data_7P3I
#
_entry.id   7P3I
#
_cell.length_a   193.670
_cell.length_b   59.564
_cell.length_c   81.842
_cell.angle_alpha   90.000
_cell.angle_beta   106.990
_cell.angle_gamma   90.000
#
_symmetry.space_group_name_H-M   'C 1 2 1'
#
loop_
_entity.id
_entity.type
_entity.pdbx_description
1 polymer 'Tumor necrosis factor receptor superfamily member 5'
2 polymer Darpin
3 non-polymer 'SODIUM ION'
4 water water
#
loop_
_entity_poly.entity_id
_entity_poly.type
_entity_poly.pdbx_seq_one_letter_code
_entity_poly.pdbx_strand_id
1 'polypeptide(L)'
;EPPTACREKQYLINSQCCSLCQPGQKLVSDCTEFTETECLPCGESEFLDTWNRETHCHQHKYCDPNLGLRVQQKGTSETD
TICTCEEGWHCTSEACESCVLHRSCSPGFGVKQIATGVSDTICEPCPVGFFSNVSSAFEKCHPWTSCETKDLVVQQAGTN
KTDVVCGPQDRLRLVPR
;
A,C
2 'polypeptide(L)'
;GSDLGKKLLQAARAGQLDEVRELLKAGADVNAKDTWGFTPLHIAAESGHLEIVEVLLKAGADVNAKDVQGRTPLHIAAHS
GHLEIVEVLLKAGADVNAKDFRGWTPLHLAAWSGHLEIVEILLKAGADVNAQDKSGKTPADLAARAGHQDIAEVLQKAA
;
B,D
#
loop_
_chem_comp.id
_chem_comp.type
_chem_comp.name
_chem_comp.formula
NA non-polymer 'SODIUM ION' 'Na 1'
#
# COMPACT_ATOMS: atom_id res chain seq x y z
N PRO A 3 -17.12 -30.73 -33.54
CA PRO A 3 -17.81 -29.46 -33.22
C PRO A 3 -19.29 -29.61 -32.76
N THR A 4 -19.54 -29.49 -31.46
CA THR A 4 -20.91 -29.46 -30.88
C THR A 4 -21.92 -28.47 -31.57
N ALA A 5 -23.21 -28.76 -31.42
CA ALA A 5 -24.23 -27.89 -32.04
C ALA A 5 -24.26 -26.40 -31.42
N CYS A 6 -23.73 -26.24 -30.20
CA CYS A 6 -23.54 -24.91 -29.60
C CYS A 6 -22.13 -24.65 -29.08
N ARG A 7 -21.84 -23.37 -28.91
CA ARG A 7 -20.58 -22.90 -28.29
C ARG A 7 -20.44 -23.34 -26.80
N GLU A 8 -19.18 -23.28 -26.34
CA GLU A 8 -18.77 -23.60 -24.98
C GLU A 8 -19.62 -22.94 -23.90
N LYS A 9 -19.93 -21.65 -24.09
CA LYS A 9 -20.76 -20.87 -23.15
C LYS A 9 -22.26 -20.83 -23.49
N GLN A 10 -22.74 -21.87 -24.16
CA GLN A 10 -24.11 -22.08 -24.55
C GLN A 10 -24.48 -23.53 -24.24
N TYR A 11 -25.77 -23.84 -24.36
CA TYR A 11 -26.28 -25.21 -24.37
C TYR A 11 -27.43 -25.34 -25.35
N LEU A 12 -27.68 -26.57 -25.81
CA LEU A 12 -28.72 -26.86 -26.81
C LEU A 12 -30.01 -27.32 -26.12
N ILE A 13 -31.13 -26.74 -26.53
CA ILE A 13 -32.48 -27.24 -26.14
C ILE A 13 -33.53 -26.75 -27.13
N ASN A 14 -34.46 -27.63 -27.54
CA ASN A 14 -35.55 -27.30 -28.49
C ASN A 14 -35.05 -26.56 -29.74
N SER A 15 -33.98 -27.09 -30.34
CA SER A 15 -33.37 -26.54 -31.55
C SER A 15 -32.82 -25.10 -31.42
N GLN A 16 -32.42 -24.73 -30.22
CA GLN A 16 -32.00 -23.35 -29.93
C GLN A 16 -30.68 -23.45 -29.17
N CYS A 17 -29.74 -22.56 -29.50
CA CYS A 17 -28.48 -22.45 -28.74
C CYS A 17 -28.61 -21.33 -27.70
N CYS A 18 -28.82 -21.73 -26.45
CA CYS A 18 -29.11 -20.80 -25.33
C CYS A 18 -27.84 -20.47 -24.61
N SER A 19 -27.67 -19.23 -24.19
CA SER A 19 -26.59 -18.79 -23.30
C SER A 19 -26.65 -19.54 -21.98
N LEU A 20 -25.51 -20.03 -21.50
CA LEU A 20 -25.39 -20.36 -20.09
C LEU A 20 -25.59 -19.08 -19.26
N CYS A 21 -25.96 -19.24 -18.00
CA CYS A 21 -25.95 -18.12 -17.08
C CYS A 21 -24.56 -17.70 -16.70
N GLN A 22 -24.35 -16.41 -16.53
CA GLN A 22 -23.09 -15.80 -16.19
C GLN A 22 -22.72 -16.02 -14.74
N PRO A 23 -21.40 -15.88 -14.42
CA PRO A 23 -21.03 -15.83 -12.99
C PRO A 23 -21.88 -14.81 -12.24
N GLY A 24 -22.32 -15.17 -11.04
CA GLY A 24 -23.17 -14.32 -10.21
C GLY A 24 -24.69 -14.42 -10.49
N GLN A 25 -25.07 -15.39 -11.34
CA GLN A 25 -26.46 -15.63 -11.75
C GLN A 25 -26.73 -17.11 -11.83
N LYS A 26 -27.99 -17.45 -11.60
CA LYS A 26 -28.46 -18.83 -11.69
C LYS A 26 -29.58 -18.91 -12.70
N LEU A 27 -29.86 -20.12 -13.18
CA LEU A 27 -30.85 -20.37 -14.24
C LEU A 27 -32.22 -20.39 -13.61
N VAL A 28 -33.15 -19.63 -14.21
CA VAL A 28 -34.56 -19.72 -13.96
C VAL A 28 -35.30 -20.44 -15.08
N SER A 29 -35.00 -20.06 -16.32
CA SER A 29 -35.75 -20.56 -17.48
C SER A 29 -34.88 -20.66 -18.73
N ASP A 30 -35.13 -21.67 -19.55
CA ASP A 30 -34.37 -21.89 -20.75
C ASP A 30 -34.68 -20.83 -21.78
N CYS A 31 -33.73 -20.59 -22.68
CA CYS A 31 -33.97 -19.76 -23.85
C CYS A 31 -35.06 -20.37 -24.74
N THR A 32 -35.64 -19.51 -25.57
CA THR A 32 -36.56 -19.93 -26.61
C THR A 32 -36.16 -19.16 -27.85
N GLU A 33 -36.88 -19.40 -28.94
CA GLU A 33 -36.82 -18.56 -30.14
C GLU A 33 -37.03 -17.04 -29.84
N PHE A 34 -37.90 -16.73 -28.87
CA PHE A 34 -38.29 -15.35 -28.59
C PHE A 34 -37.50 -14.69 -27.49
N THR A 35 -36.82 -15.48 -26.65
CA THR A 35 -36.09 -14.98 -25.51
C THR A 35 -34.77 -15.74 -25.28
N GLU A 36 -33.73 -15.00 -24.90
CA GLU A 36 -32.50 -15.57 -24.30
C GLU A 36 -32.80 -16.21 -22.93
N THR A 37 -31.87 -17.01 -22.44
CA THR A 37 -31.98 -17.70 -21.16
C THR A 37 -32.30 -16.72 -20.01
N GLU A 38 -33.26 -17.12 -19.18
CA GLU A 38 -33.64 -16.32 -18.03
C GLU A 38 -32.74 -16.73 -16.90
N CYS A 39 -31.98 -15.75 -16.42
CA CYS A 39 -31.13 -15.91 -15.27
C CYS A 39 -31.48 -14.87 -14.22
N LEU A 40 -31.27 -15.25 -12.95
CA LEU A 40 -31.60 -14.44 -11.79
C LEU A 40 -30.32 -14.23 -11.00
N PRO A 41 -30.00 -12.98 -10.63
CA PRO A 41 -28.83 -12.76 -9.76
C PRO A 41 -28.85 -13.59 -8.46
N CYS A 42 -27.69 -14.06 -8.04
CA CYS A 42 -27.56 -14.66 -6.71
C CYS A 42 -28.04 -13.65 -5.65
N GLY A 43 -28.68 -14.15 -4.60
CA GLY A 43 -28.96 -13.37 -3.38
C GLY A 43 -27.70 -12.79 -2.74
N GLU A 44 -27.94 -11.88 -1.83
CA GLU A 44 -26.90 -11.06 -1.23
C GLU A 44 -25.86 -11.86 -0.44
N SER A 45 -26.31 -12.95 0.18
CA SER A 45 -25.39 -13.82 0.89
C SER A 45 -25.04 -15.08 0.10
N GLU A 46 -25.06 -14.99 -1.22
CA GLU A 46 -24.87 -16.14 -2.14
C GLU A 46 -23.91 -15.81 -3.22
N PHE A 47 -23.31 -16.85 -3.81
CA PHE A 47 -22.38 -16.68 -4.92
C PHE A 47 -22.34 -17.86 -5.90
N LEU A 48 -21.97 -17.54 -7.14
CA LEU A 48 -21.72 -18.51 -8.19
C LEU A 48 -20.59 -17.97 -9.10
N ASP A 49 -19.45 -18.64 -9.09
CA ASP A 49 -18.20 -18.12 -9.70
C ASP A 49 -17.99 -18.47 -11.19
N THR A 50 -18.89 -19.26 -11.78
CA THR A 50 -18.73 -19.79 -13.11
C THR A 50 -19.97 -19.60 -13.94
N TRP A 51 -19.76 -19.71 -15.25
CA TRP A 51 -20.86 -19.80 -16.20
C TRP A 51 -21.56 -21.12 -15.92
N ASN A 52 -22.90 -21.16 -16.00
CA ASN A 52 -23.62 -22.31 -15.48
C ASN A 52 -25.05 -22.43 -15.99
N ARG A 53 -25.62 -23.61 -15.73
CA ARG A 53 -27.06 -23.88 -15.83
C ARG A 53 -27.62 -24.38 -14.46
N GLU A 54 -27.01 -23.97 -13.34
CA GLU A 54 -27.44 -24.46 -12.03
C GLU A 54 -28.64 -23.66 -11.59
N THR A 55 -29.47 -24.27 -10.76
CA THR A 55 -30.72 -23.68 -10.28
C THR A 55 -30.60 -23.11 -8.87
N HIS A 56 -29.48 -23.34 -8.18
CA HIS A 56 -29.16 -22.67 -6.90
C HIS A 56 -27.74 -22.13 -6.91
N CYS A 57 -27.53 -21.09 -6.13
CA CYS A 57 -26.20 -20.52 -5.88
C CYS A 57 -25.58 -21.23 -4.66
N HIS A 58 -24.28 -21.04 -4.46
CA HIS A 58 -23.60 -21.44 -3.21
C HIS A 58 -23.94 -20.39 -2.14
N GLN A 59 -24.13 -20.83 -0.90
CA GLN A 59 -24.23 -19.92 0.22
C GLN A 59 -22.81 -19.48 0.56
N HIS A 60 -22.65 -18.17 0.83
CA HIS A 60 -21.44 -17.65 1.46
C HIS A 60 -21.12 -18.42 2.72
N LYS A 61 -19.82 -18.64 2.92
CA LYS A 61 -19.24 -19.37 4.03
C LYS A 61 -19.65 -18.72 5.36
N TYR A 62 -20.01 -19.54 6.35
CA TYR A 62 -20.20 -19.10 7.72
C TYR A 62 -18.86 -19.08 8.47
N CYS A 63 -18.57 -17.97 9.15
CA CYS A 63 -17.36 -17.82 9.97
C CYS A 63 -17.76 -18.00 11.43
N ASP A 64 -17.55 -19.21 11.95
CA ASP A 64 -18.11 -19.62 13.22
C ASP A 64 -17.33 -19.02 14.42
N PRO A 65 -18.00 -18.18 15.25
CA PRO A 65 -17.31 -17.63 16.47
C PRO A 65 -16.78 -18.70 17.44
N ASN A 66 -17.51 -19.82 17.52
CA ASN A 66 -17.13 -20.95 18.34
C ASN A 66 -15.89 -21.73 17.92
N LEU A 67 -15.39 -21.50 16.71
CA LEU A 67 -14.05 -21.96 16.28
C LEU A 67 -13.01 -20.82 16.25
N GLY A 68 -13.29 -19.72 16.93
CA GLY A 68 -12.41 -18.55 16.93
C GLY A 68 -12.30 -17.76 15.64
N LEU A 69 -13.30 -17.86 14.77
CA LEU A 69 -13.31 -17.14 13.49
C LEU A 69 -14.21 -15.92 13.51
N ARG A 70 -13.84 -14.90 12.74
CA ARG A 70 -14.70 -13.78 12.38
C ARG A 70 -14.59 -13.60 10.84
N VAL A 71 -15.47 -12.77 10.31
CA VAL A 71 -15.50 -12.39 8.90
C VAL A 71 -14.39 -11.38 8.70
N GLN A 72 -13.44 -11.69 7.81
CA GLN A 72 -12.47 -10.71 7.33
C GLN A 72 -13.08 -9.82 6.27
N GLN A 73 -13.79 -10.45 5.34
CA GLN A 73 -14.25 -9.80 4.11
C GLN A 73 -15.52 -10.50 3.63
N LYS A 74 -16.60 -9.75 3.52
CA LYS A 74 -17.87 -10.26 3.02
C LYS A 74 -17.69 -10.69 1.55
N GLY A 75 -18.29 -11.81 1.18
CA GLY A 75 -18.38 -12.25 -0.20
C GLY A 75 -19.16 -11.32 -1.12
N THR A 76 -19.14 -11.66 -2.40
CA THR A 76 -19.79 -10.93 -3.48
C THR A 76 -20.63 -11.95 -4.20
N SER A 77 -21.30 -11.53 -5.28
CA SER A 77 -22.06 -12.47 -6.11
C SER A 77 -21.17 -13.52 -6.83
N GLU A 78 -19.87 -13.25 -6.98
CA GLU A 78 -18.91 -14.19 -7.61
C GLU A 78 -17.83 -14.77 -6.69
N THR A 79 -17.68 -14.29 -5.44
CA THR A 79 -16.63 -14.79 -4.53
C THR A 79 -17.20 -15.11 -3.15
N ASP A 80 -16.55 -16.04 -2.46
CA ASP A 80 -16.95 -16.43 -1.15
C ASP A 80 -16.51 -15.39 -0.07
N THR A 81 -17.17 -15.44 1.06
CA THR A 81 -16.70 -14.81 2.31
C THR A 81 -15.38 -15.39 2.73
N ILE A 82 -14.53 -14.53 3.27
CA ILE A 82 -13.21 -14.88 3.78
C ILE A 82 -13.23 -14.64 5.29
N CYS A 83 -12.82 -15.68 6.03
CA CYS A 83 -12.69 -15.67 7.48
C CYS A 83 -11.24 -15.43 7.92
N THR A 84 -11.12 -14.89 9.13
CA THR A 84 -9.84 -14.78 9.84
C THR A 84 -10.06 -15.02 11.32
N CYS A 85 -8.99 -15.09 12.10
CA CYS A 85 -9.09 -15.39 13.53
C CYS A 85 -9.53 -14.17 14.34
N GLU A 86 -10.37 -14.39 15.35
CA GLU A 86 -10.66 -13.37 16.37
C GLU A 86 -9.39 -13.03 17.12
N GLU A 87 -9.31 -11.77 17.57
CA GLU A 87 -8.19 -11.30 18.43
C GLU A 87 -8.18 -12.17 19.69
N GLY A 88 -6.98 -12.59 20.09
CA GLY A 88 -6.82 -13.61 21.14
C GLY A 88 -6.76 -15.06 20.67
N TRP A 89 -6.98 -15.30 19.37
CA TRP A 89 -6.92 -16.63 18.78
C TRP A 89 -5.93 -16.64 17.60
N HIS A 90 -5.40 -17.82 17.30
CA HIS A 90 -4.48 -18.00 16.19
C HIS A 90 -4.87 -19.22 15.37
N CYS A 91 -4.46 -19.25 14.11
CA CYS A 91 -4.84 -20.34 13.18
C CYS A 91 -4.33 -21.69 13.65
N THR A 92 -5.18 -22.73 13.63
CA THR A 92 -4.78 -24.15 13.90
C THR A 92 -3.68 -24.65 12.94
N SER A 93 -3.77 -24.25 11.67
CA SER A 93 -2.84 -24.62 10.59
C SER A 93 -2.81 -23.48 9.55
N GLU A 94 -1.97 -23.61 8.51
CA GLU A 94 -1.90 -22.62 7.42
C GLU A 94 -3.23 -22.30 6.72
N ALA A 95 -4.13 -23.29 6.61
CA ALA A 95 -5.45 -23.09 5.97
C ALA A 95 -6.40 -22.18 6.75
N CYS A 96 -6.24 -22.15 8.07
CA CYS A 96 -7.01 -21.30 8.99
C CYS A 96 -8.52 -21.60 8.94
N GLU A 97 -8.86 -22.88 9.05
CA GLU A 97 -10.24 -23.38 9.05
C GLU A 97 -10.88 -23.34 10.43
N SER A 98 -10.05 -23.39 11.45
CA SER A 98 -10.43 -23.04 12.82
C SER A 98 -9.26 -22.37 13.52
N CYS A 99 -9.51 -21.86 14.72
CA CYS A 99 -8.51 -21.20 15.53
C CYS A 99 -8.51 -21.77 16.95
N VAL A 100 -7.47 -21.41 17.68
CA VAL A 100 -7.18 -21.89 19.04
C VAL A 100 -6.81 -20.66 19.86
N LEU A 101 -7.22 -20.61 21.12
CA LEU A 101 -6.83 -19.51 22.04
C LEU A 101 -5.33 -19.51 22.30
N HIS A 102 -4.75 -18.32 22.40
CA HIS A 102 -3.30 -18.16 22.71
C HIS A 102 -3.03 -18.80 24.06
N ARG A 103 -1.99 -19.64 24.16
CA ARG A 103 -1.66 -20.25 25.42
C ARG A 103 -0.81 -19.30 26.29
N SER A 104 -0.84 -19.60 27.57
CA SER A 104 -0.07 -18.92 28.59
C SER A 104 1.18 -19.71 28.87
N CYS A 105 2.29 -19.00 29.01
CA CYS A 105 3.50 -19.57 29.59
C CYS A 105 3.28 -19.87 31.09
N SER A 106 3.34 -21.15 31.47
CA SER A 106 3.18 -21.60 32.85
C SER A 106 4.27 -21.05 33.81
N PRO A 107 4.08 -21.22 35.13
CA PRO A 107 5.15 -20.80 36.05
C PRO A 107 6.45 -21.56 35.78
N GLY A 108 7.57 -20.85 35.84
CA GLY A 108 8.88 -21.35 35.36
C GLY A 108 9.28 -20.95 33.95
N PHE A 109 8.31 -20.40 33.20
CA PHE A 109 8.44 -20.06 31.80
C PHE A 109 7.93 -18.65 31.59
N GLY A 110 8.54 -17.92 30.68
CA GLY A 110 8.13 -16.53 30.36
C GLY A 110 7.98 -16.33 28.87
N VAL A 111 7.33 -15.23 28.51
CA VAL A 111 7.04 -14.94 27.11
C VAL A 111 8.33 -14.50 26.45
N LYS A 112 8.70 -15.22 25.40
CA LYS A 112 9.79 -14.83 24.51
C LYS A 112 9.19 -14.00 23.36
N GLN A 113 8.12 -14.52 22.73
CA GLN A 113 7.40 -13.81 21.69
C GLN A 113 5.90 -13.91 21.91
N ILE A 114 5.24 -12.77 21.89
CA ILE A 114 3.80 -12.70 22.07
C ILE A 114 3.07 -13.30 20.86
N ALA A 115 1.89 -13.83 21.10
CA ALA A 115 1.08 -14.45 20.05
C ALA A 115 0.59 -13.41 19.05
N THR A 116 0.34 -13.87 17.83
CA THR A 116 -0.31 -13.09 16.79
C THR A 116 -1.47 -13.93 16.27
N GLY A 117 -2.20 -13.41 15.29
CA GLY A 117 -3.21 -14.19 14.57
C GLY A 117 -2.73 -15.43 13.81
N VAL A 118 -1.43 -15.52 13.51
CA VAL A 118 -0.85 -16.69 12.83
C VAL A 118 0.13 -17.54 13.65
N SER A 119 0.48 -17.09 14.85
CA SER A 119 1.39 -17.83 15.71
C SER A 119 0.97 -17.81 17.17
N ASP A 120 1.09 -18.97 17.81
CA ASP A 120 0.91 -19.07 19.27
C ASP A 120 2.05 -18.37 20.01
N THR A 121 1.82 -18.10 21.29
CA THR A 121 2.85 -17.64 22.22
C THR A 121 4.09 -18.55 22.14
N ILE A 122 5.28 -17.95 22.02
CA ILE A 122 6.55 -18.67 22.18
C ILE A 122 7.02 -18.40 23.62
N CYS A 123 7.18 -19.49 24.40
CA CYS A 123 7.62 -19.43 25.80
C CYS A 123 9.04 -20.00 25.94
N GLU A 124 9.83 -19.43 26.87
CA GLU A 124 11.16 -19.94 27.21
C GLU A 124 11.25 -20.30 28.68
N PRO A 125 11.96 -21.39 29.02
CA PRO A 125 12.25 -21.63 30.46
C PRO A 125 13.06 -20.47 31.05
N CYS A 126 12.70 -20.04 32.25
CA CYS A 126 13.36 -18.93 32.92
C CYS A 126 14.79 -19.33 33.23
N PRO A 127 15.79 -18.68 32.59
CA PRO A 127 17.18 -19.04 32.91
C PRO A 127 17.65 -18.44 34.25
N VAL A 128 18.84 -18.84 34.69
CA VAL A 128 19.44 -18.40 35.95
C VAL A 128 19.44 -16.88 36.09
N GLY A 129 19.05 -16.43 37.27
CA GLY A 129 18.88 -15.02 37.55
C GLY A 129 17.51 -14.50 37.20
N PHE A 130 16.59 -15.35 36.71
CA PHE A 130 15.26 -14.92 36.28
C PHE A 130 14.16 -15.88 36.75
N PHE A 131 12.92 -15.39 36.84
CA PHE A 131 11.80 -16.25 37.23
C PHE A 131 10.47 -15.76 36.71
N SER A 132 9.50 -16.66 36.81
CA SER A 132 8.11 -16.36 36.50
C SER A 132 7.19 -17.17 37.38
N ASN A 133 6.43 -16.48 38.22
CA ASN A 133 5.53 -17.11 39.18
C ASN A 133 4.08 -17.12 38.76
N VAL A 134 3.79 -16.80 37.49
CA VAL A 134 2.41 -16.68 36.98
C VAL A 134 2.24 -17.54 35.73
N SER A 135 1.01 -17.95 35.48
CA SER A 135 0.59 -18.48 34.18
C SER A 135 0.08 -17.27 33.37
N SER A 136 0.82 -16.89 32.33
CA SER A 136 0.49 -15.68 31.56
C SER A 136 1.01 -15.68 30.11
N ALA A 137 0.22 -15.06 29.23
CA ALA A 137 0.52 -14.95 27.80
C ALA A 137 1.23 -13.66 27.44
N PHE A 138 1.45 -12.77 28.42
CA PHE A 138 2.13 -11.49 28.23
C PHE A 138 3.44 -11.36 29.00
N GLU A 139 3.54 -11.96 30.21
CA GLU A 139 4.64 -11.66 31.14
C GLU A 139 5.95 -12.35 30.78
N LYS A 140 6.97 -11.53 30.54
CA LYS A 140 8.34 -11.99 30.40
C LYS A 140 8.89 -12.57 31.72
N CYS A 141 10.03 -13.24 31.62
CA CYS A 141 10.86 -13.59 32.78
C CYS A 141 11.29 -12.30 33.48
N HIS A 142 11.11 -12.24 34.79
CA HIS A 142 11.58 -11.12 35.62
C HIS A 142 12.89 -11.51 36.31
N PRO A 143 13.83 -10.56 36.47
CA PRO A 143 15.06 -10.88 37.21
C PRO A 143 14.85 -11.15 38.69
N TRP A 144 15.69 -12.00 39.27
CA TRP A 144 15.76 -12.18 40.73
C TRP A 144 16.15 -10.87 41.42
N THR A 145 15.57 -10.62 42.58
CA THR A 145 15.98 -9.52 43.47
C THR A 145 17.46 -9.66 43.84
N SER A 146 18.18 -8.55 43.82
CA SER A 146 19.56 -8.47 44.30
C SER A 146 19.51 -8.17 45.81
N CYS A 147 19.83 -9.18 46.63
CA CYS A 147 19.91 -8.99 48.08
C CYS A 147 21.01 -8.05 48.54
N GLU A 148 22.12 -8.03 47.81
CA GLU A 148 23.31 -7.25 48.16
C GLU A 148 23.10 -5.72 48.00
N THR A 149 22.21 -5.29 47.11
CA THR A 149 21.78 -3.85 47.02
C THR A 149 21.07 -3.36 48.28
N LYS A 150 20.38 -4.26 48.99
CA LYS A 150 19.67 -3.97 50.26
C LYS A 150 20.49 -4.27 51.55
N ASP A 151 21.79 -4.57 51.42
CA ASP A 151 22.65 -5.07 52.50
C ASP A 151 22.17 -6.36 53.22
N LEU A 152 21.51 -7.22 52.46
CA LEU A 152 21.05 -8.51 52.94
C LEU A 152 21.82 -9.63 52.18
N VAL A 153 21.61 -10.86 52.61
CA VAL A 153 22.07 -12.07 51.88
C VAL A 153 20.89 -12.91 51.41
N VAL A 154 21.21 -13.84 50.52
CA VAL A 154 20.25 -14.78 50.01
C VAL A 154 20.00 -15.83 51.09
N GLN A 155 18.80 -15.81 51.67
CA GLN A 155 18.39 -16.79 52.68
C GLN A 155 17.77 -18.04 52.02
N GLN A 156 16.96 -17.83 50.99
CA GLN A 156 16.41 -18.91 50.15
C GLN A 156 16.74 -18.62 48.71
N ALA A 157 17.25 -19.62 48.02
CA ALA A 157 17.65 -19.48 46.64
C ALA A 157 16.42 -19.26 45.77
N GLY A 158 16.59 -18.46 44.73
CA GLY A 158 15.61 -18.29 43.67
C GLY A 158 15.52 -19.55 42.81
N THR A 159 14.39 -19.73 42.15
CA THR A 159 14.18 -20.78 41.17
C THR A 159 13.67 -20.14 39.90
N ASN A 160 13.43 -20.98 38.89
CA ASN A 160 12.66 -20.56 37.70
C ASN A 160 11.26 -19.97 38.00
N LYS A 161 10.66 -20.37 39.13
CA LYS A 161 9.28 -20.10 39.59
C LYS A 161 9.16 -19.13 40.78
N THR A 162 10.24 -18.91 41.52
CA THR A 162 10.21 -18.05 42.71
C THR A 162 11.36 -17.08 42.74
N ASP A 163 11.10 -15.89 43.27
CA ASP A 163 12.14 -14.91 43.62
C ASP A 163 13.01 -15.42 44.77
N VAL A 164 14.18 -14.83 44.91
CA VAL A 164 14.98 -14.98 46.14
C VAL A 164 14.20 -14.41 47.35
N VAL A 165 14.36 -15.06 48.50
CA VAL A 165 14.01 -14.48 49.78
C VAL A 165 15.32 -14.00 50.38
N CYS A 166 15.42 -12.69 50.61
CA CYS A 166 16.55 -12.07 51.30
C CYS A 166 16.41 -12.16 52.82
N GLY A 167 17.55 -12.03 53.51
CA GLY A 167 17.60 -12.06 54.98
C GLY A 167 18.94 -11.57 55.51
N PRO A 168 19.04 -11.32 56.84
CA PRO A 168 20.26 -10.76 57.43
C PRO A 168 21.43 -11.76 57.51
N GLN A 169 22.65 -11.22 57.57
CA GLN A 169 23.88 -12.03 57.75
C GLN A 169 23.90 -12.79 59.09
N ASP A 170 24.66 -13.88 59.12
CA ASP A 170 24.88 -14.71 60.31
C ASP A 170 26.26 -14.41 60.90
N GLY B 1 -1.93 -20.59 -44.43
CA GLY B 1 -2.81 -21.71 -43.94
C GLY B 1 -3.75 -21.26 -42.88
N SER B 2 -4.97 -21.83 -42.86
CA SER B 2 -6.05 -21.53 -41.83
C SER B 2 -5.98 -22.37 -40.51
N ASP B 3 -4.99 -23.28 -40.44
CA ASP B 3 -4.32 -23.74 -39.18
C ASP B 3 -4.10 -22.56 -38.21
N LEU B 4 -3.52 -21.47 -38.74
CA LEU B 4 -3.19 -20.30 -37.93
C LEU B 4 -4.46 -19.62 -37.37
N GLY B 5 -5.52 -19.58 -38.17
CA GLY B 5 -6.86 -19.13 -37.74
C GLY B 5 -7.44 -19.91 -36.57
N LYS B 6 -7.34 -21.24 -36.63
CA LYS B 6 -7.76 -22.12 -35.53
C LYS B 6 -6.89 -21.94 -34.28
N LYS B 7 -5.57 -21.84 -34.47
CA LYS B 7 -4.64 -21.51 -33.37
C LYS B 7 -4.94 -20.11 -32.72
N LEU B 8 -5.28 -19.11 -33.54
CA LEU B 8 -5.63 -17.76 -33.04
C LEU B 8 -6.93 -17.75 -32.22
N LEU B 9 -7.91 -18.53 -32.68
CA LEU B 9 -9.14 -18.71 -31.94
C LEU B 9 -8.90 -19.34 -30.55
N GLN B 10 -8.11 -20.42 -30.50
CA GLN B 10 -7.73 -21.09 -29.22
C GLN B 10 -6.95 -20.15 -28.27
N ALA B 11 -5.95 -19.44 -28.81
CA ALA B 11 -5.19 -18.42 -28.05
C ALA B 11 -6.09 -17.36 -27.40
N ALA B 12 -7.06 -16.86 -28.17
CA ALA B 12 -8.00 -15.84 -27.67
C ALA B 12 -8.95 -16.37 -26.56
N ARG B 13 -9.42 -17.62 -26.66
CA ARG B 13 -10.14 -18.35 -25.59
C ARG B 13 -9.31 -18.53 -24.33
N ALA B 14 -8.06 -18.99 -24.52
CA ALA B 14 -7.12 -19.21 -23.41
C ALA B 14 -6.57 -17.93 -22.77
N GLY B 15 -6.85 -16.76 -23.37
CA GLY B 15 -6.36 -15.48 -22.85
C GLY B 15 -4.86 -15.25 -23.00
N GLN B 16 -4.23 -15.93 -23.96
CA GLN B 16 -2.78 -15.96 -24.13
C GLN B 16 -2.38 -14.79 -25.05
N LEU B 17 -2.26 -13.60 -24.46
CA LEU B 17 -1.92 -12.37 -25.21
C LEU B 17 -0.64 -12.45 -26.10
N ASP B 18 0.42 -13.06 -25.57
CA ASP B 18 1.69 -13.24 -26.31
C ASP B 18 1.54 -14.17 -27.52
N GLU B 19 0.78 -15.25 -27.36
CA GLU B 19 0.42 -16.14 -28.48
C GLU B 19 -0.43 -15.45 -29.56
N VAL B 20 -1.38 -14.59 -29.15
CA VAL B 20 -2.18 -13.78 -30.09
C VAL B 20 -1.32 -12.86 -30.95
N ARG B 21 -0.43 -12.09 -30.31
CA ARG B 21 0.48 -11.19 -31.02
C ARG B 21 1.34 -11.94 -32.03
N GLU B 22 1.95 -13.05 -31.59
CA GLU B 22 2.85 -13.82 -32.44
C GLU B 22 2.11 -14.57 -33.58
N LEU B 23 0.88 -15.04 -33.37
CA LEU B 23 0.03 -15.54 -34.45
C LEU B 23 -0.41 -14.46 -35.47
N LEU B 24 -0.76 -13.27 -34.97
CA LEU B 24 -1.04 -12.12 -35.89
C LEU B 24 0.18 -11.73 -36.76
N LYS B 25 1.34 -11.61 -36.15
CA LYS B 25 2.59 -11.34 -36.86
C LYS B 25 2.96 -12.40 -37.91
N ALA B 26 2.59 -13.66 -37.66
CA ALA B 26 2.71 -14.76 -38.64
C ALA B 26 1.68 -14.81 -39.78
N GLY B 27 0.80 -13.82 -39.88
CA GLY B 27 -0.17 -13.72 -40.97
C GLY B 27 -1.43 -14.53 -40.80
N ALA B 28 -1.79 -14.80 -39.48
CA ALA B 28 -3.12 -15.33 -39.12
C ALA B 28 -4.16 -14.36 -39.58
N ASP B 29 -5.27 -14.91 -40.08
CA ASP B 29 -6.55 -14.16 -40.31
C ASP B 29 -7.15 -13.70 -38.97
N VAL B 30 -7.08 -12.39 -38.76
CA VAL B 30 -7.76 -11.67 -37.63
C VAL B 30 -9.26 -11.95 -37.55
N ASN B 31 -9.91 -12.07 -38.71
CA ASN B 31 -11.34 -12.41 -38.82
C ASN B 31 -11.64 -13.89 -39.07
N ALA B 32 -10.80 -14.78 -38.56
CA ALA B 32 -11.08 -16.22 -38.59
C ALA B 32 -12.37 -16.54 -37.81
N LYS B 33 -13.25 -17.33 -38.39
CA LYS B 33 -14.51 -17.72 -37.80
C LYS B 33 -14.48 -19.18 -37.42
N ASP B 34 -14.91 -19.50 -36.21
CA ASP B 34 -15.15 -20.91 -35.84
C ASP B 34 -16.47 -21.44 -36.46
N THR B 35 -16.81 -22.65 -36.11
CA THR B 35 -18.11 -23.29 -36.43
C THR B 35 -19.38 -22.46 -36.12
N TRP B 36 -19.36 -21.66 -35.05
CA TRP B 36 -20.56 -20.89 -34.64
C TRP B 36 -20.48 -19.42 -35.09
N GLY B 37 -19.53 -19.08 -35.99
CA GLY B 37 -19.38 -17.69 -36.45
C GLY B 37 -18.76 -16.67 -35.45
N PHE B 38 -18.26 -17.17 -34.33
CA PHE B 38 -17.36 -16.41 -33.46
C PHE B 38 -15.97 -16.18 -34.10
N THR B 39 -15.64 -14.90 -34.27
CA THR B 39 -14.29 -14.39 -34.50
C THR B 39 -13.47 -14.42 -33.19
N PRO B 40 -12.13 -14.19 -33.27
CA PRO B 40 -11.34 -13.91 -32.06
C PRO B 40 -11.85 -12.77 -31.22
N LEU B 41 -12.34 -11.72 -31.88
CA LEU B 41 -12.94 -10.57 -31.18
C LEU B 41 -14.17 -10.92 -30.35
N HIS B 42 -15.08 -11.74 -30.89
CA HIS B 42 -16.24 -12.30 -30.15
C HIS B 42 -15.83 -13.09 -28.94
N ILE B 43 -14.77 -13.90 -29.08
CA ILE B 43 -14.30 -14.79 -28.01
C ILE B 43 -13.73 -13.96 -26.87
N ALA B 44 -12.91 -12.97 -27.24
CA ALA B 44 -12.28 -12.09 -26.26
C ALA B 44 -13.30 -11.21 -25.58
N ALA B 45 -14.31 -10.76 -26.31
CA ALA B 45 -15.42 -10.03 -25.74
C ALA B 45 -16.23 -10.82 -24.73
N GLU B 46 -16.41 -12.10 -24.96
CA GLU B 46 -17.14 -12.99 -24.06
C GLU B 46 -16.39 -13.31 -22.78
N SER B 47 -15.11 -13.60 -22.92
CA SER B 47 -14.24 -13.98 -21.81
C SER B 47 -13.64 -12.81 -21.02
N GLY B 48 -13.89 -11.56 -21.44
CA GLY B 48 -13.43 -10.36 -20.73
C GLY B 48 -11.93 -10.08 -20.82
N HIS B 49 -11.29 -10.45 -21.92
CA HIS B 49 -9.84 -10.25 -22.13
C HIS B 49 -9.68 -8.95 -22.91
N LEU B 50 -9.55 -7.85 -22.18
CA LEU B 50 -9.50 -6.48 -22.76
C LEU B 50 -8.27 -6.20 -23.61
N GLU B 51 -7.12 -6.68 -23.19
CA GLU B 51 -5.86 -6.44 -23.92
C GLU B 51 -5.89 -7.17 -25.28
N ILE B 52 -6.47 -8.37 -25.30
CA ILE B 52 -6.71 -9.13 -26.53
C ILE B 52 -7.66 -8.42 -27.47
N VAL B 53 -8.75 -7.87 -26.94
CA VAL B 53 -9.70 -7.06 -27.74
C VAL B 53 -9.05 -5.89 -28.45
N GLU B 54 -8.19 -5.16 -27.74
CA GLU B 54 -7.55 -3.94 -28.27
C GLU B 54 -6.51 -4.24 -29.36
N VAL B 55 -5.70 -5.27 -29.12
CA VAL B 55 -4.70 -5.76 -30.06
C VAL B 55 -5.36 -6.34 -31.33
N LEU B 56 -6.52 -6.99 -31.19
CA LEU B 56 -7.32 -7.47 -32.35
C LEU B 56 -7.91 -6.33 -33.19
N LEU B 57 -8.44 -5.30 -32.52
CA LEU B 57 -8.90 -4.06 -33.21
C LEU B 57 -7.77 -3.32 -33.94
N LYS B 58 -6.60 -3.24 -33.31
CA LYS B 58 -5.43 -2.58 -33.88
C LYS B 58 -4.92 -3.30 -35.17
N ALA B 59 -5.01 -4.63 -35.17
CA ALA B 59 -4.73 -5.48 -36.35
C ALA B 59 -5.87 -5.60 -37.40
N GLY B 60 -6.97 -4.84 -37.24
CA GLY B 60 -8.00 -4.66 -38.26
C GLY B 60 -9.22 -5.57 -38.17
N ALA B 61 -9.49 -6.18 -37.01
CA ALA B 61 -10.68 -6.99 -36.79
C ALA B 61 -11.98 -6.22 -37.10
N ASP B 62 -12.93 -6.92 -37.70
CA ASP B 62 -14.22 -6.39 -38.11
C ASP B 62 -15.04 -6.27 -36.81
N VAL B 63 -15.21 -5.02 -36.39
CA VAL B 63 -15.97 -4.66 -35.18
C VAL B 63 -17.47 -5.06 -35.24
N ASN B 64 -18.03 -5.15 -36.44
CA ASN B 64 -19.41 -5.54 -36.67
C ASN B 64 -19.62 -6.88 -37.34
N ALA B 65 -18.69 -7.81 -37.11
CA ALA B 65 -18.78 -9.17 -37.64
C ALA B 65 -19.91 -9.90 -36.92
N LYS B 66 -20.79 -10.56 -37.67
CA LYS B 66 -21.89 -11.32 -37.14
C LYS B 66 -21.53 -12.80 -37.05
N ASP B 67 -21.82 -13.43 -35.91
CA ASP B 67 -21.87 -14.87 -35.76
C ASP B 67 -23.15 -15.49 -36.33
N VAL B 68 -23.33 -16.80 -36.19
CA VAL B 68 -24.48 -17.51 -36.77
C VAL B 68 -25.85 -17.09 -36.22
N GLN B 69 -25.87 -16.52 -35.01
CA GLN B 69 -27.07 -15.93 -34.42
C GLN B 69 -27.23 -14.41 -34.70
N GLY B 70 -26.38 -13.84 -35.56
CA GLY B 70 -26.35 -12.41 -35.81
C GLY B 70 -25.85 -11.52 -34.71
N ARG B 71 -25.21 -12.07 -33.69
CA ARG B 71 -24.53 -11.30 -32.63
C ARG B 71 -23.18 -10.76 -33.11
N THR B 72 -23.05 -9.44 -33.07
CA THR B 72 -21.80 -8.71 -33.04
C THR B 72 -21.01 -8.88 -31.75
N PRO B 73 -19.72 -8.51 -31.74
CA PRO B 73 -18.96 -8.44 -30.48
C PRO B 73 -19.54 -7.55 -29.39
N LEU B 74 -20.22 -6.46 -29.76
CA LEU B 74 -20.93 -5.58 -28.83
C LEU B 74 -22.09 -6.30 -28.13
N HIS B 75 -22.91 -7.02 -28.88
CA HIS B 75 -23.91 -7.93 -28.29
C HIS B 75 -23.30 -8.81 -27.20
N ILE B 76 -22.17 -9.43 -27.51
CA ILE B 76 -21.51 -10.39 -26.64
C ILE B 76 -20.98 -9.72 -25.38
N ALA B 77 -20.25 -8.62 -25.60
CA ALA B 77 -19.68 -7.85 -24.51
C ALA B 77 -20.77 -7.28 -23.60
N ALA B 78 -21.85 -6.76 -24.19
CA ALA B 78 -23.00 -6.21 -23.46
C ALA B 78 -23.77 -7.25 -22.65
N HIS B 79 -24.07 -8.40 -23.30
CA HIS B 79 -24.63 -9.58 -22.66
C HIS B 79 -23.83 -10.10 -21.45
N SER B 80 -22.53 -10.17 -21.65
CA SER B 80 -21.59 -10.79 -20.72
C SER B 80 -21.10 -9.92 -19.59
N GLY B 81 -21.42 -8.62 -19.63
CA GLY B 81 -21.18 -7.71 -18.52
C GLY B 81 -19.82 -7.05 -18.53
N HIS B 82 -19.16 -6.92 -19.69
CA HIS B 82 -17.77 -6.41 -19.75
C HIS B 82 -17.74 -4.95 -20.17
N LEU B 83 -17.77 -4.07 -19.16
CA LEU B 83 -17.97 -2.65 -19.38
C LEU B 83 -16.87 -2.01 -20.22
N GLU B 84 -15.62 -2.19 -19.79
CA GLU B 84 -14.48 -1.62 -20.55
C GLU B 84 -14.43 -2.09 -22.02
N ILE B 85 -14.74 -3.35 -22.26
CA ILE B 85 -14.85 -3.91 -23.62
C ILE B 85 -15.96 -3.25 -24.42
N VAL B 86 -17.11 -3.04 -23.81
CA VAL B 86 -18.20 -2.30 -24.47
C VAL B 86 -17.76 -0.90 -24.89
N GLU B 87 -17.13 -0.16 -23.98
CA GLU B 87 -16.62 1.19 -24.29
C GLU B 87 -15.64 1.20 -25.51
N VAL B 88 -14.69 0.27 -25.47
CA VAL B 88 -13.67 0.10 -26.53
C VAL B 88 -14.27 -0.24 -27.89
N LEU B 89 -15.24 -1.15 -27.92
CA LEU B 89 -15.96 -1.49 -29.14
C LEU B 89 -16.72 -0.30 -29.75
N LEU B 90 -17.34 0.50 -28.90
CA LEU B 90 -18.02 1.73 -29.31
C LEU B 90 -17.10 2.77 -29.91
N LYS B 91 -15.94 3.00 -29.26
CA LYS B 91 -14.87 3.85 -29.79
C LYS B 91 -14.40 3.41 -31.17
N ALA B 92 -14.24 2.10 -31.34
CA ALA B 92 -13.82 1.47 -32.61
C ALA B 92 -14.94 1.37 -33.69
N GLY B 93 -16.12 1.95 -33.47
CA GLY B 93 -17.19 2.06 -34.47
C GLY B 93 -18.21 0.93 -34.50
N ALA B 94 -18.44 0.26 -33.36
CA ALA B 94 -19.49 -0.76 -33.23
C ALA B 94 -20.88 -0.16 -33.39
N ASP B 95 -21.73 -0.89 -34.10
CA ASP B 95 -23.10 -0.47 -34.38
C ASP B 95 -23.94 -0.71 -33.10
N VAL B 96 -24.27 0.39 -32.44
CA VAL B 96 -24.99 0.35 -31.17
C VAL B 96 -26.40 -0.27 -31.29
N ASN B 97 -27.07 -0.12 -32.44
CA ASN B 97 -28.39 -0.69 -32.69
C ASN B 97 -28.48 -1.89 -33.62
N ALA B 98 -27.39 -2.67 -33.70
CA ALA B 98 -27.34 -3.89 -34.51
C ALA B 98 -28.25 -4.94 -33.89
N LYS B 99 -29.03 -5.61 -34.73
CA LYS B 99 -30.06 -6.55 -34.31
C LYS B 99 -29.60 -7.99 -34.56
N ASP B 100 -29.77 -8.86 -33.56
CA ASP B 100 -29.50 -10.31 -33.72
C ASP B 100 -30.73 -11.06 -34.28
N PHE B 101 -30.69 -12.38 -34.31
CA PHE B 101 -31.74 -13.21 -34.89
C PHE B 101 -33.08 -13.16 -34.16
N ARG B 102 -33.08 -12.76 -32.87
CA ARG B 102 -34.29 -12.43 -32.15
C ARG B 102 -34.76 -10.97 -32.30
N GLY B 103 -34.00 -10.15 -33.03
CA GLY B 103 -34.15 -8.68 -33.05
C GLY B 103 -33.70 -7.98 -31.78
N TRP B 104 -32.83 -8.62 -31.01
CA TRP B 104 -32.26 -8.04 -29.78
C TRP B 104 -31.05 -7.20 -30.18
N THR B 105 -31.06 -5.96 -29.71
CA THR B 105 -29.93 -5.05 -29.71
C THR B 105 -29.03 -5.31 -28.49
N PRO B 106 -27.86 -4.65 -28.44
CA PRO B 106 -27.05 -4.73 -27.23
C PRO B 106 -27.69 -4.20 -25.95
N LEU B 107 -28.53 -3.18 -26.08
CA LEU B 107 -29.33 -2.67 -24.96
C LEU B 107 -30.32 -3.70 -24.41
N HIS B 108 -31.01 -4.42 -25.30
CA HIS B 108 -31.87 -5.56 -24.93
C HIS B 108 -31.12 -6.57 -24.06
N LEU B 109 -29.95 -6.99 -24.56
CA LEU B 109 -29.10 -7.95 -23.84
C LEU B 109 -28.57 -7.44 -22.52
N ALA B 110 -28.14 -6.20 -22.47
CA ALA B 110 -27.71 -5.58 -21.19
C ALA B 110 -28.87 -5.45 -20.17
N ALA B 111 -30.03 -5.02 -20.64
CA ALA B 111 -31.24 -4.92 -19.81
C ALA B 111 -31.67 -6.28 -19.27
N TRP B 112 -31.63 -7.30 -20.14
CA TRP B 112 -32.05 -8.67 -19.79
C TRP B 112 -31.19 -9.31 -18.73
N SER B 113 -29.87 -9.13 -18.85
CA SER B 113 -28.91 -9.65 -17.87
C SER B 113 -28.58 -8.74 -16.66
N GLY B 114 -29.18 -7.56 -16.56
CA GLY B 114 -29.06 -6.70 -15.33
C GLY B 114 -27.79 -5.84 -15.25
N HIS B 115 -27.22 -5.48 -16.41
CA HIS B 115 -25.95 -4.75 -16.45
C HIS B 115 -26.25 -3.26 -16.60
N LEU B 116 -26.54 -2.63 -15.45
CA LEU B 116 -26.99 -1.22 -15.38
C LEU B 116 -26.00 -0.26 -15.95
N GLU B 117 -24.75 -0.38 -15.55
CA GLU B 117 -23.70 0.53 -15.99
C GLU B 117 -23.56 0.44 -17.54
N ILE B 118 -23.61 -0.77 -18.09
CA ILE B 118 -23.62 -1.00 -19.54
C ILE B 118 -24.84 -0.40 -20.19
N VAL B 119 -26.02 -0.53 -19.59
CA VAL B 119 -27.23 0.21 -20.07
C VAL B 119 -26.99 1.70 -20.22
N GLU B 120 -26.41 2.32 -19.20
CA GLU B 120 -26.15 3.78 -19.19
C GLU B 120 -25.19 4.26 -20.28
N ILE B 121 -24.13 3.50 -20.51
CA ILE B 121 -23.15 3.74 -21.57
C ILE B 121 -23.76 3.60 -22.97
N LEU B 122 -24.59 2.58 -23.18
CA LEU B 122 -25.24 2.36 -24.47
C LEU B 122 -26.24 3.48 -24.80
N LEU B 123 -26.99 3.94 -23.80
CA LEU B 123 -27.86 5.13 -23.96
C LEU B 123 -27.10 6.41 -24.35
N LYS B 124 -25.98 6.66 -23.66
CA LYS B 124 -25.05 7.77 -23.99
C LYS B 124 -24.50 7.70 -25.41
N ALA B 125 -24.20 6.49 -25.88
CA ALA B 125 -23.76 6.23 -27.26
C ALA B 125 -24.90 6.14 -28.31
N GLY B 126 -26.14 6.45 -27.93
CA GLY B 126 -27.27 6.61 -28.87
C GLY B 126 -28.10 5.36 -29.15
N ALA B 127 -28.14 4.43 -28.20
CA ALA B 127 -28.99 3.25 -28.28
C ALA B 127 -30.47 3.64 -28.29
N ASP B 128 -31.23 2.92 -29.12
CA ASP B 128 -32.64 3.16 -29.27
C ASP B 128 -33.38 2.44 -28.13
N VAL B 129 -33.89 3.24 -27.20
CA VAL B 129 -34.73 2.76 -26.09
C VAL B 129 -36.04 2.15 -26.57
N ASN B 130 -36.58 2.65 -27.67
CA ASN B 130 -37.84 2.13 -28.22
C ASN B 130 -37.71 0.91 -29.13
N ALA B 131 -36.48 0.42 -29.39
CA ALA B 131 -36.23 -0.72 -30.27
C ALA B 131 -37.03 -1.92 -29.79
N GLN B 132 -37.78 -2.52 -30.70
CA GLN B 132 -38.59 -3.69 -30.42
C GLN B 132 -37.93 -4.91 -31.04
N ASP B 133 -38.07 -6.03 -30.33
CA ASP B 133 -37.63 -7.33 -30.82
C ASP B 133 -38.72 -7.95 -31.68
N LYS B 134 -38.51 -9.17 -32.16
CA LYS B 134 -39.49 -9.86 -33.04
C LYS B 134 -40.80 -10.27 -32.36
N SER B 135 -40.84 -10.26 -31.03
CA SER B 135 -42.05 -10.44 -30.24
C SER B 135 -42.68 -9.11 -29.71
N GLY B 136 -42.18 -7.96 -30.18
CA GLY B 136 -42.69 -6.65 -29.78
C GLY B 136 -42.12 -6.02 -28.51
N LYS B 137 -41.12 -6.65 -27.88
CA LYS B 137 -40.61 -6.24 -26.56
C LYS B 137 -39.45 -5.25 -26.68
N THR B 138 -39.52 -4.18 -25.88
CA THR B 138 -38.43 -3.19 -25.70
C THR B 138 -37.44 -3.64 -24.63
N PRO B 139 -36.28 -2.94 -24.52
CA PRO B 139 -35.37 -3.21 -23.41
C PRO B 139 -35.96 -3.08 -22.01
N ALA B 140 -36.73 -2.01 -21.79
CA ALA B 140 -37.52 -1.84 -20.56
C ALA B 140 -38.43 -3.03 -20.25
N ASP B 141 -39.13 -3.56 -21.27
CA ASP B 141 -40.01 -4.74 -21.09
C ASP B 141 -39.23 -5.95 -20.60
N LEU B 142 -38.07 -6.19 -21.22
CA LEU B 142 -37.15 -7.24 -20.80
C LEU B 142 -36.67 -7.04 -19.36
N ALA B 143 -36.19 -5.84 -19.05
CA ALA B 143 -35.64 -5.59 -17.69
C ALA B 143 -36.70 -5.86 -16.62
N ALA B 144 -37.92 -5.41 -16.89
CA ALA B 144 -39.06 -5.64 -15.98
C ALA B 144 -39.43 -7.11 -15.84
N ARG B 145 -39.44 -7.85 -16.94
CA ARG B 145 -39.70 -9.29 -16.92
C ARG B 145 -38.62 -10.07 -16.15
N ALA B 146 -37.36 -9.68 -16.32
CA ALA B 146 -36.21 -10.24 -15.56
C ALA B 146 -36.07 -9.80 -14.11
N GLY B 147 -36.92 -8.89 -13.63
CA GLY B 147 -36.86 -8.38 -12.24
C GLY B 147 -35.80 -7.30 -12.01
N HIS B 148 -35.20 -6.73 -13.08
CA HIS B 148 -34.22 -5.64 -12.98
C HIS B 148 -34.98 -4.31 -12.97
N GLN B 149 -35.58 -4.00 -11.81
CA GLN B 149 -36.37 -2.77 -11.60
C GLN B 149 -35.56 -1.53 -11.90
N ASP B 150 -34.40 -1.41 -11.25
CA ASP B 150 -33.50 -0.26 -11.42
C ASP B 150 -33.29 0.10 -12.91
N ILE B 151 -33.01 -0.89 -13.74
CA ILE B 151 -32.81 -0.71 -15.17
C ILE B 151 -34.11 -0.42 -15.91
N ALA B 152 -35.18 -1.13 -15.58
CA ALA B 152 -36.55 -0.80 -16.09
C ALA B 152 -36.96 0.65 -15.89
N GLU B 153 -36.57 1.20 -14.74
CA GLU B 153 -36.92 2.59 -14.32
C GLU B 153 -36.11 3.61 -15.14
N VAL B 154 -34.81 3.34 -15.32
CA VAL B 154 -33.92 4.19 -16.14
C VAL B 154 -34.43 4.23 -17.58
N LEU B 155 -34.82 3.08 -18.11
CA LEU B 155 -35.28 2.95 -19.51
C LEU B 155 -36.63 3.59 -19.77
N GLN B 156 -37.56 3.43 -18.84
CA GLN B 156 -38.83 4.19 -18.86
C GLN B 156 -38.62 5.72 -18.83
N LYS B 157 -37.68 6.16 -18.00
CA LYS B 157 -37.32 7.59 -17.89
C LYS B 157 -36.49 8.13 -19.09
N ALA B 158 -35.65 7.29 -19.69
CA ALA B 158 -34.98 7.67 -20.96
C ALA B 158 -35.90 7.73 -22.17
N ALA B 159 -37.09 7.10 -22.08
CA ALA B 159 -38.16 7.22 -23.06
C ALA B 159 -38.95 8.48 -22.85
N ALA C 5 -12.37 21.34 -5.92
CA ALA C 5 -11.37 21.16 -4.80
C ALA C 5 -10.66 19.79 -4.81
N CYS C 6 -9.47 19.76 -4.22
CA CYS C 6 -8.73 18.51 -3.96
C CYS C 6 -8.22 18.41 -2.50
N ARG C 7 -7.63 17.26 -2.17
CA ARG C 7 -7.08 17.04 -0.82
C ARG C 7 -5.84 17.89 -0.48
N GLU C 8 -5.49 17.92 0.82
CA GLU C 8 -4.28 18.58 1.33
C GLU C 8 -2.99 18.19 0.55
N LYS C 9 -2.85 16.90 0.26
CA LYS C 9 -1.71 16.33 -0.45
C LYS C 9 -1.98 16.13 -1.97
N GLN C 10 -2.89 16.94 -2.54
CA GLN C 10 -3.19 16.97 -3.98
C GLN C 10 -3.24 18.42 -4.47
N TYR C 11 -3.30 18.62 -5.78
CA TYR C 11 -3.56 19.95 -6.37
C TYR C 11 -4.45 19.79 -7.60
N LEU C 12 -5.11 20.89 -7.97
CA LEU C 12 -6.10 20.88 -9.06
C LEU C 12 -5.49 21.44 -10.34
N ILE C 13 -5.61 20.69 -11.43
CA ILE C 13 -5.24 21.20 -12.76
C ILE C 13 -6.08 20.52 -13.84
N ASN C 14 -6.66 21.32 -14.74
CA ASN C 14 -7.48 20.86 -15.86
C ASN C 14 -8.53 19.81 -15.47
N SER C 15 -9.27 20.11 -14.39
CA SER C 15 -10.34 19.23 -13.88
C SER C 15 -9.86 17.82 -13.42
N GLN C 16 -8.63 17.76 -12.94
CA GLN C 16 -8.03 16.53 -12.45
C GLN C 16 -7.43 16.85 -11.07
N CYS C 17 -7.63 15.97 -10.10
CA CYS C 17 -6.99 16.07 -8.79
C CYS C 17 -5.69 15.23 -8.80
N CYS C 18 -4.55 15.93 -8.97
CA CYS C 18 -3.24 15.31 -9.09
C CYS C 18 -2.59 15.19 -7.72
N SER C 19 -1.89 14.08 -7.51
CA SER C 19 -1.04 13.92 -6.33
C SER C 19 0.08 14.97 -6.35
N LEU C 20 0.31 15.60 -5.20
CA LEU C 20 1.58 16.33 -5.00
C LEU C 20 2.71 15.31 -5.02
N CYS C 21 3.91 15.78 -5.35
CA CYS C 21 5.11 14.96 -5.21
C CYS C 21 5.44 14.79 -3.75
N GLN C 22 5.91 13.60 -3.42
CA GLN C 22 6.23 13.20 -2.05
C GLN C 22 7.56 13.82 -1.59
N PRO C 23 7.81 13.85 -0.27
CA PRO C 23 9.14 14.23 0.23
C PRO C 23 10.22 13.41 -0.46
N GLY C 24 11.30 14.06 -0.85
CA GLY C 24 12.39 13.40 -1.61
C GLY C 24 12.25 13.41 -3.12
N GLN C 25 11.18 14.04 -3.64
CA GLN C 25 10.90 14.09 -5.08
C GLN C 25 10.39 15.44 -5.52
N LYS C 26 10.69 15.81 -6.75
CA LYS C 26 10.29 17.09 -7.36
C LYS C 26 9.44 16.80 -8.60
N LEU C 27 8.69 17.81 -9.04
CA LEU C 27 7.73 17.68 -10.13
C LEU C 27 8.42 17.76 -11.45
N VAL C 28 8.13 16.80 -12.32
CA VAL C 28 8.52 16.81 -13.73
C VAL C 28 7.32 17.13 -14.62
N SER C 29 6.18 16.48 -14.38
CA SER C 29 5.01 16.62 -15.21
C SER C 29 3.72 16.48 -14.39
N ASP C 30 2.73 17.30 -14.74
CA ASP C 30 1.44 17.27 -14.07
C ASP C 30 0.68 16.03 -14.47
N CYS C 31 -0.21 15.57 -13.60
CA CYS C 31 -1.06 14.43 -13.91
C CYS C 31 -2.00 14.76 -15.08
N THR C 32 -2.52 13.71 -15.71
CA THR C 32 -3.58 13.82 -16.70
C THR C 32 -4.58 12.72 -16.37
N GLU C 33 -5.65 12.62 -17.16
CA GLU C 33 -6.58 11.48 -17.09
C GLU C 33 -5.87 10.12 -17.20
N PHE C 34 -4.86 10.04 -18.08
CA PHE C 34 -4.22 8.77 -18.42
C PHE C 34 -2.93 8.49 -17.63
N THR C 35 -2.37 9.49 -16.91
CA THR C 35 -1.19 9.28 -16.01
C THR C 35 -1.22 10.14 -14.73
N GLU C 36 -0.83 9.54 -13.61
CA GLU C 36 -0.53 10.24 -12.33
C GLU C 36 0.68 11.21 -12.50
N THR C 37 0.81 12.15 -11.55
CA THR C 37 1.90 13.13 -11.52
C THR C 37 3.29 12.47 -11.66
N GLU C 38 4.09 13.00 -12.58
CA GLU C 38 5.42 12.48 -12.83
C GLU C 38 6.34 13.23 -11.90
N CYS C 39 6.99 12.50 -11.00
CA CYS C 39 7.96 13.06 -10.08
C CYS C 39 9.28 12.33 -10.22
N LEU C 40 10.37 13.09 -10.04
CA LEU C 40 11.75 12.58 -10.13
C LEU C 40 12.38 12.68 -8.75
N PRO C 41 13.10 11.62 -8.29
CA PRO C 41 13.87 11.76 -7.05
C PRO C 41 14.84 12.95 -7.06
N CYS C 42 15.00 13.60 -5.90
CA CYS C 42 16.05 14.62 -5.77
C CYS C 42 17.41 14.03 -6.11
N GLY C 43 18.23 14.82 -6.80
CA GLY C 43 19.59 14.43 -7.15
C GLY C 43 20.47 14.14 -5.94
N GLU C 44 21.67 13.63 -6.24
CA GLU C 44 22.76 13.57 -5.27
C GLU C 44 23.04 14.98 -4.74
N SER C 45 23.22 15.06 -3.43
CA SER C 45 23.49 16.32 -2.75
C SER C 45 22.28 17.27 -2.67
N GLU C 46 21.06 16.73 -2.82
CA GLU C 46 19.81 17.52 -2.81
C GLU C 46 18.75 16.93 -1.90
N PHE C 47 17.81 17.77 -1.46
CA PHE C 47 16.69 17.30 -0.66
C PHE C 47 15.42 18.14 -0.81
N LEU C 48 14.29 17.51 -0.46
CA LEU C 48 12.99 18.17 -0.36
C LEU C 48 12.20 17.48 0.76
N ASP C 49 11.96 18.22 1.85
CA ASP C 49 11.42 17.64 3.09
C ASP C 49 9.88 17.60 3.22
N THR C 50 9.16 18.13 2.23
N THR C 50 9.16 18.16 2.25
CA THR C 50 7.71 18.28 2.28
CA THR C 50 7.71 18.33 2.29
C THR C 50 7.08 17.87 0.95
C THR C 50 7.09 17.85 0.98
N TRP C 51 5.77 17.58 1.02
CA TRP C 51 4.99 17.27 -0.18
C TRP C 51 4.90 18.56 -0.97
N ASN C 52 5.02 18.46 -2.29
CA ASN C 52 5.25 19.65 -3.09
C ASN C 52 4.85 19.47 -4.54
N ARG C 53 4.82 20.60 -5.24
CA ARG C 53 4.92 20.60 -6.70
C ARG C 53 5.97 21.58 -7.21
N GLU C 54 7.12 21.60 -6.54
CA GLU C 54 8.23 22.44 -6.95
C GLU C 54 9.02 21.68 -8.01
N THR C 55 9.73 22.43 -8.86
CA THR C 55 10.46 21.89 -9.99
C THR C 55 11.98 21.78 -9.74
N HIS C 56 12.48 22.22 -8.58
CA HIS C 56 13.89 21.98 -8.13
C HIS C 56 13.89 21.59 -6.65
N CYS C 57 14.91 20.83 -6.24
CA CYS C 57 15.09 20.47 -4.83
C CYS C 57 16.00 21.52 -4.16
N HIS C 58 16.04 21.51 -2.83
CA HIS C 58 17.03 22.29 -2.07
C HIS C 58 18.40 21.60 -2.16
N GLN C 59 19.47 22.40 -2.19
CA GLN C 59 20.84 21.84 -2.04
C GLN C 59 21.07 21.49 -0.57
N HIS C 60 21.71 20.35 -0.30
CA HIS C 60 22.22 20.06 1.06
C HIS C 60 23.10 21.19 1.57
N LYS C 61 23.06 21.41 2.88
CA LYS C 61 23.89 22.40 3.60
C LYS C 61 25.36 21.98 3.42
N TYR C 62 26.20 22.93 3.04
CA TYR C 62 27.65 22.73 2.99
C TYR C 62 28.25 22.98 4.38
N CYS C 63 29.00 22.00 4.89
CA CYS C 63 29.73 22.09 6.15
C CYS C 63 31.16 22.52 5.87
N ASP C 64 31.43 23.83 5.86
CA ASP C 64 32.69 24.39 5.36
C ASP C 64 33.84 24.16 6.34
N PRO C 65 34.89 23.40 5.92
CA PRO C 65 36.09 23.23 6.75
C PRO C 65 36.79 24.52 7.16
N ASN C 66 36.73 25.56 6.33
CA ASN C 66 37.29 26.92 6.68
C ASN C 66 36.57 27.65 7.86
N LEU C 67 35.37 27.20 8.21
CA LEU C 67 34.67 27.60 9.43
C LEU C 67 34.76 26.55 10.54
N GLY C 68 35.67 25.57 10.41
CA GLY C 68 35.78 24.46 11.35
C GLY C 68 34.63 23.50 11.50
N LEU C 69 33.84 23.37 10.44
CA LEU C 69 32.69 22.48 10.43
C LEU C 69 33.00 21.17 9.67
N ARG C 70 32.39 20.09 10.14
CA ARG C 70 32.36 18.81 9.45
C ARG C 70 30.92 18.32 9.47
N VAL C 71 30.66 17.29 8.66
CA VAL C 71 29.37 16.63 8.57
C VAL C 71 29.22 15.73 9.79
N GLN C 72 28.19 15.96 10.58
CA GLN C 72 27.79 15.03 11.64
C GLN C 72 26.93 13.92 11.06
N GLN C 73 26.00 14.29 10.21
CA GLN C 73 25.02 13.39 9.62
C GLN C 73 24.77 13.86 8.18
N LYS C 74 25.04 12.98 7.21
CA LYS C 74 24.81 13.27 5.79
C LYS C 74 23.33 13.54 5.54
N GLY C 75 23.04 14.54 4.70
CA GLY C 75 21.69 14.72 4.19
C GLY C 75 21.19 13.51 3.37
N THR C 76 19.88 13.29 3.42
CA THR C 76 19.20 12.27 2.62
C THR C 76 18.38 13.02 1.58
N SER C 77 17.62 12.30 0.78
CA SER C 77 16.70 12.92 -0.16
C SER C 77 15.57 13.70 0.54
N GLU C 78 15.25 13.40 1.81
CA GLU C 78 14.22 14.13 2.57
C GLU C 78 14.69 14.90 3.81
N THR C 79 15.98 14.87 4.16
CA THR C 79 16.53 15.65 5.31
C THR C 79 17.78 16.39 4.91
N ASP C 80 18.00 17.55 5.54
CA ASP C 80 19.25 18.31 5.31
C ASP C 80 20.42 17.69 6.10
N THR C 81 21.61 17.95 5.60
CA THR C 81 22.86 17.67 6.31
C THR C 81 22.90 18.43 7.63
N ILE C 82 23.40 17.76 8.66
CA ILE C 82 23.66 18.34 9.97
C ILE C 82 25.16 18.40 10.17
N CYS C 83 25.66 19.62 10.43
CA CYS C 83 27.04 19.92 10.71
C CYS C 83 27.34 19.97 12.21
N THR C 84 28.61 19.73 12.54
CA THR C 84 29.15 19.89 13.87
C THR C 84 30.56 20.42 13.76
N CYS C 85 31.11 20.84 14.91
CA CYS C 85 32.46 21.40 14.94
C CYS C 85 33.51 20.28 14.90
N GLU C 86 34.61 20.54 14.22
CA GLU C 86 35.77 19.65 14.25
C GLU C 86 36.40 19.62 15.62
N GLU C 87 37.09 18.53 15.92
CA GLU C 87 37.84 18.37 17.18
C GLU C 87 38.85 19.51 17.29
N GLY C 88 38.95 20.12 18.48
CA GLY C 88 39.71 21.34 18.67
C GLY C 88 39.01 22.66 18.42
N TRP C 89 37.76 22.61 17.97
CA TRP C 89 36.97 23.79 17.66
C TRP C 89 35.65 23.74 18.44
N HIS C 90 35.06 24.92 18.63
CA HIS C 90 33.75 25.01 19.28
C HIS C 90 32.89 26.05 18.61
N CYS C 91 31.58 25.94 18.83
CA CYS C 91 30.58 26.84 18.23
C CYS C 91 30.80 28.30 18.61
N THR C 92 30.75 29.22 17.64
CA THR C 92 30.83 30.66 17.91
C THR C 92 29.58 31.18 18.64
N SER C 93 28.40 30.61 18.36
CA SER C 93 27.14 30.89 19.06
C SER C 93 26.29 29.60 19.16
N GLU C 94 25.16 29.65 19.87
CA GLU C 94 24.25 28.46 20.02
C GLU C 94 23.81 27.81 18.70
N ALA C 95 23.63 28.60 17.66
CA ALA C 95 23.16 28.08 16.36
C ALA C 95 24.22 27.25 15.61
N CYS C 96 25.49 27.50 15.89
CA CYS C 96 26.62 26.70 15.42
C CYS C 96 26.76 26.70 13.89
N GLU C 97 26.71 27.91 13.33
CA GLU C 97 26.90 28.20 11.91
C GLU C 97 28.38 28.28 11.53
N SER C 98 29.22 28.58 12.51
CA SER C 98 30.66 28.54 12.37
C SER C 98 31.30 28.19 13.70
N CYS C 99 32.61 27.89 13.63
CA CYS C 99 33.38 27.48 14.79
C CYS C 99 34.70 28.21 14.84
N VAL C 100 35.33 28.13 16.01
CA VAL C 100 36.62 28.80 16.30
C VAL C 100 37.45 27.82 17.07
N LEU C 101 38.77 27.85 16.87
CA LEU C 101 39.71 27.05 17.66
C LEU C 101 39.63 27.43 19.16
N HIS C 102 39.78 26.42 20.02
CA HIS C 102 39.90 26.56 21.47
C HIS C 102 41.10 27.44 21.75
N ARG C 103 40.94 28.46 22.56
CA ARG C 103 42.03 29.38 22.86
C ARG C 103 42.93 28.84 23.95
N SER C 104 44.15 29.39 23.94
CA SER C 104 45.14 29.10 24.94
C SER C 104 45.09 30.13 26.02
N CYS C 105 45.14 29.68 27.27
CA CYS C 105 45.47 30.58 28.38
C CYS C 105 46.92 31.05 28.27
N SER C 106 47.10 32.37 28.10
CA SER C 106 48.43 32.97 27.94
C SER C 106 49.32 32.81 29.20
N PRO C 107 50.62 33.12 29.08
CA PRO C 107 51.45 33.10 30.29
C PRO C 107 50.90 34.06 31.36
N GLY C 108 50.90 33.65 32.61
CA GLY C 108 50.22 34.37 33.74
C GLY C 108 48.81 33.83 34.06
N PHE C 109 48.27 32.95 33.19
CA PHE C 109 46.91 32.41 33.32
C PHE C 109 46.98 30.91 33.15
N GLY C 110 46.14 30.18 33.87
CA GLY C 110 46.07 28.73 33.79
C GLY C 110 44.65 28.29 33.48
N VAL C 111 44.52 27.06 32.99
CA VAL C 111 43.24 26.50 32.62
C VAL C 111 42.48 26.19 33.90
N LYS C 112 41.29 26.77 34.01
CA LYS C 112 40.30 26.43 35.04
C LYS C 112 39.41 25.30 34.49
N GLN C 113 38.91 25.45 33.26
CA GLN C 113 38.06 24.44 32.60
C GLN C 113 38.47 24.30 31.14
N ILE C 114 38.69 23.07 30.68
CA ILE C 114 39.05 22.85 29.28
C ILE C 114 37.85 23.09 28.38
N ALA C 115 38.15 23.41 27.13
CA ALA C 115 37.16 23.58 26.13
C ALA C 115 36.40 22.28 25.82
N THR C 116 35.16 22.45 25.38
CA THR C 116 34.33 21.36 24.84
C THR C 116 33.92 21.80 23.43
N GLY C 117 33.09 21.01 22.75
CA GLY C 117 32.48 21.42 21.48
C GLY C 117 31.54 22.65 21.52
N VAL C 118 31.07 23.05 22.70
CA VAL C 118 30.15 24.19 22.84
C VAL C 118 30.62 25.34 23.71
N SER C 119 31.77 25.19 24.38
CA SER C 119 32.36 26.28 25.18
C SER C 119 33.88 26.32 25.01
N ASP C 120 34.40 27.53 24.95
CA ASP C 120 35.83 27.79 24.94
C ASP C 120 36.47 27.45 26.30
N THR C 121 37.79 27.33 26.27
CA THR C 121 38.63 27.28 27.44
C THR C 121 38.25 28.42 28.41
N ILE C 122 38.09 28.09 29.70
CA ILE C 122 38.00 29.07 30.75
C ILE C 122 39.35 29.14 31.45
N CYS C 123 39.93 30.35 31.51
CA CYS C 123 41.22 30.61 32.12
C CYS C 123 41.07 31.47 33.37
N GLU C 124 41.93 31.25 34.37
CA GLU C 124 42.06 32.13 35.53
C GLU C 124 43.46 32.75 35.62
N PRO C 125 43.56 34.01 36.10
CA PRO C 125 44.88 34.53 36.49
C PRO C 125 45.52 33.68 37.58
N CYS C 126 46.79 33.35 37.41
CA CYS C 126 47.52 32.57 38.41
C CYS C 126 47.57 33.34 39.72
N PRO C 127 46.94 32.81 40.79
CA PRO C 127 47.02 33.51 42.09
C PRO C 127 48.38 33.32 42.77
N VAL C 128 48.58 34.04 43.87
CA VAL C 128 49.82 33.95 44.66
C VAL C 128 50.19 32.51 45.03
N GLY C 129 51.48 32.20 44.86
CA GLY C 129 51.98 30.85 45.02
C GLY C 129 51.97 30.05 43.75
N PHE C 130 51.39 30.55 42.67
CA PHE C 130 51.20 29.77 41.43
C PHE C 130 51.68 30.51 40.21
N PHE C 131 52.01 29.79 39.16
CA PHE C 131 52.37 30.41 37.90
C PHE C 131 52.07 29.56 36.69
N SER C 132 52.15 30.22 35.54
CA SER C 132 52.09 29.55 34.26
C SER C 132 53.01 30.29 33.28
N ASN C 133 54.08 29.62 32.81
CA ASN C 133 55.02 30.23 31.85
C ASN C 133 54.73 29.94 30.39
N VAL C 134 53.61 29.26 30.08
CA VAL C 134 53.28 28.82 28.73
C VAL C 134 51.94 29.36 28.26
N SER C 135 51.79 29.47 26.95
CA SER C 135 50.53 29.67 26.29
C SER C 135 49.95 28.26 26.00
N SER C 136 48.86 27.88 26.69
CA SER C 136 48.31 26.51 26.58
C SER C 136 46.82 26.40 26.94
N ALA C 137 46.17 25.47 26.25
CA ALA C 137 44.75 25.19 26.37
C ALA C 137 44.47 24.04 27.33
N PHE C 138 45.51 23.38 27.88
CA PHE C 138 45.37 22.29 28.88
C PHE C 138 45.98 22.54 30.26
N GLU C 139 47.03 23.36 30.32
CA GLU C 139 47.90 23.45 31.50
C GLU C 139 47.30 24.36 32.58
N LYS C 140 47.05 23.79 33.74
CA LYS C 140 46.66 24.52 34.95
C LYS C 140 47.80 25.43 35.47
N CYS C 141 47.44 26.29 36.42
CA CYS C 141 48.44 27.00 37.24
C CYS C 141 49.23 25.96 38.03
N HIS C 142 50.56 26.04 37.98
CA HIS C 142 51.45 25.19 38.79
C HIS C 142 51.97 25.97 40.00
N PRO C 143 52.13 25.32 41.17
CA PRO C 143 52.70 26.03 42.32
C PRO C 143 54.18 26.34 42.16
N TRP C 144 54.61 27.44 42.78
CA TRP C 144 56.03 27.85 42.82
C TRP C 144 56.86 26.78 43.56
N THR C 145 58.10 26.59 43.09
CA THR C 145 59.07 25.68 43.74
C THR C 145 59.36 26.17 45.16
N SER C 146 59.41 25.26 46.13
CA SER C 146 59.84 25.56 47.50
C SER C 146 61.35 25.45 47.58
N CYS C 147 62.02 26.59 47.68
CA CYS C 147 63.48 26.63 47.87
C CYS C 147 63.96 26.05 49.19
N GLU C 148 63.14 26.16 50.24
CA GLU C 148 63.47 25.63 51.59
C GLU C 148 63.56 24.10 51.67
N THR C 149 62.80 23.39 50.81
CA THR C 149 62.93 21.94 50.64
C THR C 149 64.31 21.48 50.12
N LYS C 150 64.97 22.33 49.32
CA LYS C 150 66.30 22.06 48.75
C LYS C 150 67.47 22.75 49.50
N ASP C 151 67.24 23.19 50.75
CA ASP C 151 68.23 23.93 51.57
C ASP C 151 68.72 25.27 50.96
N LEU C 152 67.87 25.92 50.16
CA LEU C 152 68.16 27.22 49.52
C LEU C 152 67.16 28.30 50.00
N VAL C 153 67.38 29.55 49.58
CA VAL C 153 66.45 30.67 49.78
C VAL C 153 65.98 31.26 48.45
N VAL C 154 64.94 32.09 48.50
CA VAL C 154 64.36 32.70 47.31
C VAL C 154 65.27 33.87 46.91
N GLN C 155 66.00 33.72 45.81
CA GLN C 155 66.91 34.78 45.33
C GLN C 155 66.17 35.73 44.38
N GLN C 156 65.36 35.17 43.48
CA GLN C 156 64.43 35.94 42.65
C GLN C 156 63.01 35.48 42.95
N ALA C 157 62.14 36.43 43.26
CA ALA C 157 60.76 36.14 43.61
C ALA C 157 60.02 35.61 42.40
N GLY C 158 59.09 34.70 42.66
CA GLY C 158 58.17 34.19 41.66
C GLY C 158 57.12 35.23 41.30
N THR C 159 56.52 35.05 40.12
CA THR C 159 55.44 35.86 39.60
C THR C 159 54.35 34.93 39.05
N ASN C 160 53.26 35.52 38.57
CA ASN C 160 52.24 34.78 37.82
C ASN C 160 52.74 34.01 36.59
N LYS C 161 53.84 34.48 35.97
CA LYS C 161 54.43 33.83 34.77
C LYS C 161 55.87 33.27 34.87
N THR C 162 56.51 33.40 36.04
CA THR C 162 57.83 32.78 36.27
C THR C 162 57.89 32.08 37.62
N ASP C 163 58.62 30.97 37.66
CA ASP C 163 58.92 30.28 38.90
C ASP C 163 59.94 31.08 39.72
N VAL C 164 60.03 30.76 41.00
CA VAL C 164 61.17 31.23 41.82
C VAL C 164 62.50 30.70 41.26
N VAL C 165 63.52 31.54 41.38
CA VAL C 165 64.90 31.14 41.22
C VAL C 165 65.43 31.04 42.64
N CYS C 166 65.90 29.84 43.00
CA CYS C 166 66.56 29.59 44.31
C CYS C 166 68.03 29.99 44.30
N GLY C 167 68.57 30.20 45.49
CA GLY C 167 70.01 30.47 45.67
C GLY C 167 70.42 30.30 47.13
N PRO C 168 71.73 30.14 47.40
CA PRO C 168 72.22 29.98 48.79
C PRO C 168 72.19 31.29 49.62
N GLN C 169 72.23 31.15 50.95
CA GLN C 169 72.24 32.30 51.89
C GLN C 169 73.57 33.05 51.88
N ASP D 3 -20.30 14.22 13.04
CA ASP D 3 -19.31 15.04 13.81
C ASP D 3 -18.14 14.20 14.33
N LEU D 4 -18.47 13.08 15.00
CA LEU D 4 -17.46 12.12 15.50
C LEU D 4 -16.62 11.51 14.35
N GLY D 5 -17.28 11.23 13.22
CA GLY D 5 -16.60 10.80 11.98
C GLY D 5 -15.61 11.83 11.44
N LYS D 6 -16.02 13.10 11.43
CA LYS D 6 -15.14 14.23 11.08
C LYS D 6 -13.97 14.39 12.08
N LYS D 7 -14.25 14.26 13.37
CA LYS D 7 -13.20 14.28 14.42
C LYS D 7 -12.21 13.09 14.29
N LEU D 8 -12.71 11.91 13.92
CA LEU D 8 -11.84 10.73 13.65
C LEU D 8 -10.93 10.93 12.43
N LEU D 9 -11.47 11.56 11.39
CA LEU D 9 -10.67 11.97 10.22
C LEU D 9 -9.54 12.95 10.63
N GLN D 10 -9.87 13.97 11.43
CA GLN D 10 -8.87 14.94 11.98
C GLN D 10 -7.77 14.28 12.81
N ALA D 11 -8.16 13.42 13.76
CA ALA D 11 -7.22 12.64 14.57
C ALA D 11 -6.25 11.79 13.73
N ALA D 12 -6.79 11.15 12.68
CA ALA D 12 -5.97 10.36 11.74
C ALA D 12 -4.94 11.18 10.94
N ARG D 13 -5.31 12.39 10.52
CA ARG D 13 -4.37 13.34 9.84
C ARG D 13 -3.31 13.87 10.81
N ALA D 14 -3.76 14.35 11.96
CA ALA D 14 -2.86 14.91 13.00
C ALA D 14 -1.99 13.87 13.73
N GLY D 15 -2.23 12.58 13.51
CA GLY D 15 -1.43 11.50 14.09
C GLY D 15 -1.63 11.29 15.59
N GLN D 16 -2.79 11.72 16.12
CA GLN D 16 -3.05 11.75 17.57
C GLN D 16 -3.65 10.40 17.99
N LEU D 17 -2.78 9.41 18.20
CA LEU D 17 -3.17 8.03 18.56
C LEU D 17 -4.10 7.89 19.79
N ASP D 18 -3.85 8.69 20.84
CA ASP D 18 -4.69 8.72 22.05
C ASP D 18 -6.12 9.21 21.77
N GLU D 19 -6.24 10.26 20.95
CA GLU D 19 -7.54 10.75 20.48
C GLU D 19 -8.27 9.74 19.57
N VAL D 20 -7.54 9.00 18.73
CA VAL D 20 -8.13 7.95 17.86
C VAL D 20 -8.80 6.84 18.69
N ARG D 21 -8.07 6.31 19.68
CA ARG D 21 -8.63 5.30 20.62
C ARG D 21 -9.89 5.83 21.32
N GLU D 22 -9.81 7.04 21.85
CA GLU D 22 -10.92 7.75 22.54
C GLU D 22 -12.18 7.95 21.67
N LEU D 23 -11.97 8.39 20.44
CA LEU D 23 -13.08 8.58 19.48
C LEU D 23 -13.69 7.24 18.98
N LEU D 24 -12.85 6.22 18.79
CA LEU D 24 -13.31 4.86 18.44
C LEU D 24 -14.21 4.26 19.54
N LYS D 25 -13.75 4.34 20.80
CA LYS D 25 -14.58 3.92 21.96
C LYS D 25 -15.89 4.71 22.10
N ALA D 26 -15.90 5.99 21.68
CA ALA D 26 -17.13 6.81 21.56
C ALA D 26 -18.13 6.46 20.42
N GLY D 27 -17.83 5.44 19.61
CA GLY D 27 -18.71 4.98 18.55
C GLY D 27 -18.56 5.70 17.21
N ALA D 28 -17.42 6.38 16.99
CA ALA D 28 -17.14 7.08 15.72
C ALA D 28 -17.07 6.07 14.59
N ASP D 29 -17.57 6.45 13.41
CA ASP D 29 -17.56 5.57 12.22
C ASP D 29 -16.11 5.44 11.71
N VAL D 30 -15.57 4.23 11.88
CA VAL D 30 -14.27 3.80 11.34
C VAL D 30 -14.20 3.96 9.81
N ASN D 31 -15.32 3.70 9.13
CA ASN D 31 -15.44 3.84 7.67
C ASN D 31 -16.08 5.19 7.22
N ALA D 32 -16.00 6.24 8.04
CA ALA D 32 -16.42 7.60 7.62
C ALA D 32 -15.57 8.07 6.43
N LYS D 33 -16.22 8.59 5.39
CA LYS D 33 -15.54 9.04 4.17
C LYS D 33 -15.65 10.55 4.08
N ASP D 34 -14.53 11.24 3.77
CA ASP D 34 -14.57 12.69 3.52
C ASP D 34 -15.08 13.00 2.10
N THR D 35 -15.08 14.28 1.71
CA THR D 35 -15.42 14.74 0.33
C THR D 35 -14.73 14.00 -0.84
N TRP D 36 -13.49 13.59 -0.63
CA TRP D 36 -12.70 12.91 -1.66
C TRP D 36 -12.72 11.37 -1.56
N GLY D 37 -13.65 10.80 -0.77
CA GLY D 37 -13.74 9.35 -0.58
C GLY D 37 -12.70 8.71 0.33
N PHE D 38 -11.84 9.53 0.95
CA PHE D 38 -10.83 9.07 1.90
C PHE D 38 -11.49 8.69 3.25
N THR D 39 -11.32 7.42 3.62
CA THR D 39 -11.53 6.95 4.99
C THR D 39 -10.34 7.33 5.91
N PRO D 40 -10.47 7.16 7.25
CA PRO D 40 -9.31 7.21 8.16
C PRO D 40 -8.15 6.30 7.77
N LEU D 41 -8.48 5.11 7.26
CA LEU D 41 -7.47 4.15 6.76
C LEU D 41 -6.65 4.68 5.57
N HIS D 42 -7.32 5.34 4.61
CA HIS D 42 -6.65 6.06 3.50
C HIS D 42 -5.73 7.19 4.03
N ILE D 43 -6.21 7.93 5.04
CA ILE D 43 -5.50 9.07 5.64
C ILE D 43 -4.22 8.61 6.32
N ALA D 44 -4.35 7.58 7.13
CA ALA D 44 -3.21 7.03 7.90
C ALA D 44 -2.22 6.36 6.96
N ALA D 45 -2.72 5.69 5.90
CA ALA D 45 -1.83 5.14 4.84
C ALA D 45 -1.03 6.21 4.11
N GLU D 46 -1.61 7.40 3.91
CA GLU D 46 -0.92 8.52 3.28
C GLU D 46 0.13 9.15 4.18
N SER D 47 -0.25 9.46 5.42
CA SER D 47 0.61 10.20 6.36
C SER D 47 1.59 9.33 7.17
N GLY D 48 1.64 8.01 6.92
CA GLY D 48 2.61 7.10 7.54
C GLY D 48 2.42 6.80 9.02
N HIS D 49 1.16 6.78 9.48
CA HIS D 49 0.84 6.53 10.90
C HIS D 49 0.50 5.07 11.06
N LEU D 50 1.51 4.26 11.37
CA LEU D 50 1.37 2.80 11.52
C LEU D 50 0.53 2.36 12.72
N GLU D 51 0.68 3.04 13.85
CA GLU D 51 -0.10 2.74 15.07
C GLU D 51 -1.59 3.02 14.87
N ILE D 52 -1.90 4.11 14.15
CA ILE D 52 -3.28 4.45 13.78
C ILE D 52 -3.90 3.39 12.83
N VAL D 53 -3.11 2.94 11.84
CA VAL D 53 -3.51 1.86 10.91
C VAL D 53 -3.90 0.57 11.64
N GLU D 54 -3.12 0.17 12.66
CA GLU D 54 -3.36 -1.06 13.44
C GLU D 54 -4.63 -0.98 14.29
N VAL D 55 -4.85 0.17 14.96
CA VAL D 55 -6.07 0.39 15.78
C VAL D 55 -7.33 0.43 14.91
N LEU D 56 -7.21 1.00 13.70
CA LEU D 56 -8.32 1.01 12.72
C LEU D 56 -8.67 -0.39 12.18
N LEU D 57 -7.65 -1.18 11.87
CA LEU D 57 -7.81 -2.57 11.41
C LEU D 57 -8.41 -3.49 12.47
N LYS D 58 -7.95 -3.34 13.73
CA LYS D 58 -8.49 -4.10 14.87
C LYS D 58 -9.99 -3.79 15.13
N ALA D 59 -10.38 -2.53 14.93
CA ALA D 59 -11.80 -2.10 14.97
C ALA D 59 -12.68 -2.43 13.73
N GLY D 60 -12.10 -3.08 12.71
CA GLY D 60 -12.84 -3.63 11.56
C GLY D 60 -12.94 -2.75 10.32
N ALA D 61 -11.96 -1.86 10.12
CA ALA D 61 -11.95 -0.95 8.95
C ALA D 61 -11.97 -1.71 7.61
N ASP D 62 -12.61 -1.11 6.59
CA ASP D 62 -12.74 -1.73 5.27
C ASP D 62 -11.41 -1.55 4.53
N VAL D 63 -10.65 -2.65 4.44
CA VAL D 63 -9.35 -2.69 3.75
C VAL D 63 -9.44 -2.36 2.24
N ASN D 64 -10.59 -2.66 1.62
CA ASN D 64 -10.80 -2.42 0.18
C ASN D 64 -11.84 -1.32 -0.10
N ALA D 65 -11.89 -0.30 0.77
CA ALA D 65 -12.76 0.88 0.54
C ALA D 65 -12.18 1.69 -0.61
N LYS D 66 -13.03 2.07 -1.57
CA LYS D 66 -12.62 2.88 -2.72
C LYS D 66 -12.92 4.36 -2.47
N ASP D 67 -11.92 5.22 -2.71
CA ASP D 67 -12.11 6.69 -2.70
C ASP D 67 -12.74 7.18 -4.02
N VAL D 68 -12.88 8.51 -4.21
CA VAL D 68 -13.53 9.05 -5.44
C VAL D 68 -12.79 8.75 -6.76
N GLN D 69 -11.49 8.50 -6.68
CA GLN D 69 -10.68 8.06 -7.83
C GLN D 69 -10.54 6.51 -7.97
N GLY D 70 -11.35 5.75 -7.23
CA GLY D 70 -11.28 4.27 -7.26
C GLY D 70 -10.05 3.64 -6.61
N ARG D 71 -9.35 4.39 -5.77
CA ARG D 71 -8.15 3.93 -5.07
C ARG D 71 -8.47 3.39 -3.69
N THR D 72 -8.05 2.14 -3.48
CA THR D 72 -7.94 1.53 -2.14
C THR D 72 -6.78 2.12 -1.30
N PRO D 73 -6.80 1.88 0.03
CA PRO D 73 -5.63 2.26 0.86
C PRO D 73 -4.30 1.62 0.47
N LEU D 74 -4.32 0.43 -0.15
CA LEU D 74 -3.08 -0.21 -0.71
C LEU D 74 -2.46 0.62 -1.86
N HIS D 75 -3.31 1.08 -2.79
CA HIS D 75 -2.87 2.07 -3.81
C HIS D 75 -2.15 3.25 -3.15
N ILE D 76 -2.75 3.79 -2.07
CA ILE D 76 -2.21 4.96 -1.38
C ILE D 76 -0.87 4.65 -0.70
N ALA D 77 -0.84 3.55 0.04
CA ALA D 77 0.35 3.10 0.73
C ALA D 77 1.50 2.80 -0.24
N ALA D 78 1.18 2.13 -1.35
CA ALA D 78 2.16 1.81 -2.42
C ALA D 78 2.72 3.05 -3.15
N HIS D 79 1.81 3.95 -3.51
CA HIS D 79 2.14 5.31 -4.01
C HIS D 79 3.04 6.12 -3.06
N SER D 80 2.68 6.10 -1.78
CA SER D 80 3.29 6.93 -0.72
C SER D 80 4.62 6.44 -0.14
N GLY D 81 5.00 5.20 -0.44
CA GLY D 81 6.28 4.62 -0.03
C GLY D 81 6.37 4.08 1.40
N HIS D 82 5.23 3.74 1.99
CA HIS D 82 5.15 3.27 3.39
C HIS D 82 5.15 1.72 3.41
N LEU D 83 6.36 1.14 3.52
CA LEU D 83 6.55 -0.32 3.45
C LEU D 83 5.78 -1.06 4.54
N GLU D 84 5.97 -0.66 5.80
CA GLU D 84 5.27 -1.29 6.93
C GLU D 84 3.74 -1.26 6.79
N ILE D 85 3.19 -0.14 6.33
CA ILE D 85 1.75 -0.01 6.09
C ILE D 85 1.27 -0.94 4.96
N VAL D 86 2.06 -1.04 3.88
CA VAL D 86 1.75 -1.97 2.80
C VAL D 86 1.69 -3.42 3.29
N GLU D 87 2.68 -3.85 4.08
CA GLU D 87 2.71 -5.22 4.64
C GLU D 87 1.48 -5.52 5.50
N VAL D 88 1.14 -4.58 6.41
CA VAL D 88 -0.02 -4.73 7.33
C VAL D 88 -1.37 -4.81 6.57
N LEU D 89 -1.53 -3.96 5.55
CA LEU D 89 -2.74 -3.98 4.71
C LEU D 89 -2.90 -5.31 3.93
N LEU D 90 -1.79 -5.84 3.45
CA LEU D 90 -1.77 -7.14 2.75
C LEU D 90 -2.15 -8.32 3.66
N LYS D 91 -1.61 -8.34 4.89
CA LYS D 91 -2.04 -9.31 5.94
C LYS D 91 -3.55 -9.24 6.23
N ALA D 92 -4.07 -8.01 6.29
CA ALA D 92 -5.51 -7.73 6.48
C ALA D 92 -6.43 -7.97 5.25
N GLY D 93 -5.90 -8.52 4.14
CA GLY D 93 -6.71 -8.94 2.98
C GLY D 93 -6.90 -7.90 1.88
N ALA D 94 -5.93 -6.99 1.71
CA ALA D 94 -5.98 -5.95 0.67
C ALA D 94 -5.91 -6.54 -0.75
N ASP D 95 -6.64 -5.92 -1.68
CA ASP D 95 -6.74 -6.42 -3.04
C ASP D 95 -5.49 -6.00 -3.83
N VAL D 96 -4.58 -6.96 -4.05
CA VAL D 96 -3.27 -6.69 -4.69
C VAL D 96 -3.39 -6.20 -6.15
N ASN D 97 -4.43 -6.64 -6.87
CA ASN D 97 -4.67 -6.26 -8.29
C ASN D 97 -5.94 -5.39 -8.50
N ALA D 98 -6.37 -4.62 -7.48
CA ALA D 98 -7.48 -3.65 -7.61
C ALA D 98 -7.04 -2.52 -8.55
N LYS D 99 -7.93 -2.08 -9.44
CA LYS D 99 -7.65 -1.06 -10.46
C LYS D 99 -8.35 0.25 -10.10
N ASP D 100 -7.63 1.37 -10.21
CA ASP D 100 -8.21 2.72 -9.99
C ASP D 100 -8.84 3.28 -11.29
N PHE D 101 -9.27 4.54 -11.25
CA PHE D 101 -9.92 5.19 -12.40
C PHE D 101 -9.05 5.35 -13.67
N ARG D 102 -7.72 5.31 -13.52
CA ARG D 102 -6.78 5.22 -14.64
C ARG D 102 -6.47 3.78 -15.10
N GLY D 103 -7.03 2.77 -14.43
CA GLY D 103 -6.63 1.38 -14.60
C GLY D 103 -5.34 0.99 -13.90
N TRP D 104 -4.87 1.83 -12.96
CA TRP D 104 -3.59 1.63 -12.27
C TRP D 104 -3.83 0.73 -11.07
N THR D 105 -3.05 -0.35 -10.99
CA THR D 105 -2.90 -1.18 -9.79
C THR D 105 -1.92 -0.53 -8.79
N PRO D 106 -1.84 -1.06 -7.56
CA PRO D 106 -0.79 -0.64 -6.65
C PRO D 106 0.65 -0.90 -7.15
N LEU D 107 0.85 -1.98 -7.92
CA LEU D 107 2.16 -2.25 -8.60
C LEU D 107 2.54 -1.14 -9.61
N HIS D 108 1.56 -0.71 -10.42
CA HIS D 108 1.74 0.45 -11.34
C HIS D 108 2.23 1.68 -10.55
N LEU D 109 1.51 2.01 -9.47
CA LEU D 109 1.85 3.16 -8.60
C LEU D 109 3.22 3.05 -7.93
N ALA D 110 3.54 1.87 -7.41
CA ALA D 110 4.82 1.64 -6.77
C ALA D 110 5.98 1.71 -7.76
N ALA D 111 5.78 1.11 -8.95
CA ALA D 111 6.74 1.25 -10.08
C ALA D 111 6.93 2.72 -10.47
N TRP D 112 5.83 3.46 -10.55
CA TRP D 112 5.81 4.86 -10.99
C TRP D 112 6.62 5.80 -10.13
N SER D 113 6.46 5.67 -8.81
CA SER D 113 7.19 6.50 -7.83
C SER D 113 8.46 5.83 -7.22
N GLY D 114 8.92 4.71 -7.78
CA GLY D 114 10.26 4.17 -7.52
C GLY D 114 10.47 3.37 -6.24
N HIS D 115 9.41 2.76 -5.72
CA HIS D 115 9.44 2.11 -4.39
C HIS D 115 9.74 0.62 -4.58
N LEU D 116 11.04 0.30 -4.71
CA LEU D 116 11.53 -1.06 -5.02
C LEU D 116 11.10 -2.09 -3.99
N GLU D 117 11.32 -1.78 -2.71
CA GLU D 117 10.95 -2.69 -1.62
C GLU D 117 9.45 -3.01 -1.64
N ILE D 118 8.61 -1.99 -1.86
CA ILE D 118 7.15 -2.19 -1.98
C ILE D 118 6.80 -3.01 -3.23
N VAL D 119 7.51 -2.76 -4.34
CA VAL D 119 7.37 -3.61 -5.55
C VAL D 119 7.62 -5.10 -5.24
N GLU D 120 8.67 -5.40 -4.50
CA GLU D 120 9.06 -6.80 -4.14
C GLU D 120 8.02 -7.50 -3.27
N ILE D 121 7.45 -6.77 -2.30
CA ILE D 121 6.35 -7.28 -1.43
C ILE D 121 5.08 -7.59 -2.24
N LEU D 122 4.71 -6.69 -3.16
CA LEU D 122 3.54 -6.88 -4.01
C LEU D 122 3.69 -8.07 -4.97
N LEU D 123 4.89 -8.25 -5.53
CA LEU D 123 5.23 -9.40 -6.39
C LEU D 123 5.11 -10.74 -5.66
N LYS D 124 5.67 -10.81 -4.45
CA LYS D 124 5.53 -12.00 -3.56
C LYS D 124 4.07 -12.31 -3.19
N ALA D 125 3.26 -11.25 -3.00
CA ALA D 125 1.81 -11.37 -2.79
C ALA D 125 0.95 -11.57 -4.08
N GLY D 126 1.58 -11.79 -5.23
CA GLY D 126 0.92 -12.20 -6.48
C GLY D 126 0.48 -11.09 -7.41
N ALA D 127 1.21 -9.97 -7.42
CA ALA D 127 0.83 -8.80 -8.26
C ALA D 127 1.00 -9.12 -9.74
N ASP D 128 0.11 -8.58 -10.57
CA ASP D 128 0.10 -8.90 -12.00
C ASP D 128 1.07 -7.96 -12.72
N VAL D 129 2.23 -8.49 -13.12
CA VAL D 129 3.20 -7.76 -13.96
C VAL D 129 2.65 -7.41 -15.35
N ASN D 130 1.77 -8.28 -15.89
CA ASN D 130 1.15 -8.04 -17.22
C ASN D 130 -0.05 -7.08 -17.23
N ALA D 131 -0.55 -6.66 -16.04
CA ALA D 131 -1.70 -5.75 -15.94
C ALA D 131 -1.44 -4.46 -16.72
N GLN D 132 -2.40 -4.06 -17.57
CA GLN D 132 -2.31 -2.83 -18.38
C GLN D 132 -3.31 -1.80 -17.87
N ASP D 133 -2.94 -0.53 -17.97
CA ASP D 133 -3.81 0.58 -17.59
C ASP D 133 -4.73 0.96 -18.76
N LYS D 134 -5.54 2.01 -18.58
CA LYS D 134 -6.46 2.50 -19.62
C LYS D 134 -5.80 3.18 -20.84
N SER D 135 -4.50 3.44 -20.79
CA SER D 135 -3.69 3.82 -21.96
C SER D 135 -2.84 2.67 -22.56
N GLY D 136 -2.99 1.44 -22.06
CA GLY D 136 -2.18 0.28 -22.50
C GLY D 136 -0.78 0.09 -21.91
N LYS D 137 -0.48 0.83 -20.84
CA LYS D 137 0.85 0.80 -20.19
C LYS D 137 0.90 -0.20 -19.03
N THR D 138 1.96 -1.01 -18.99
CA THR D 138 2.28 -1.92 -17.89
C THR D 138 3.10 -1.21 -16.81
N PRO D 139 3.26 -1.83 -15.61
CA PRO D 139 4.13 -1.24 -14.58
C PRO D 139 5.59 -1.06 -15.02
N ALA D 140 6.13 -2.06 -15.70
CA ALA D 140 7.43 -1.96 -16.39
C ALA D 140 7.56 -0.73 -17.33
N ASP D 141 6.53 -0.47 -18.15
CA ASP D 141 6.52 0.72 -19.05
C ASP D 141 6.61 2.01 -18.25
N LEU D 142 5.81 2.09 -17.18
CA LEU D 142 5.82 3.22 -16.25
C LEU D 142 7.18 3.41 -15.60
N ALA D 143 7.74 2.33 -15.06
CA ALA D 143 9.06 2.37 -14.42
C ALA D 143 10.11 2.93 -15.37
N ALA D 144 10.10 2.47 -16.62
CA ALA D 144 11.03 2.96 -17.66
C ALA D 144 10.80 4.44 -18.01
N ARG D 145 9.53 4.85 -18.14
CA ARG D 145 9.17 6.26 -18.40
C ARG D 145 9.64 7.19 -17.24
N ALA D 146 9.48 6.72 -15.99
CA ALA D 146 9.97 7.44 -14.80
C ALA D 146 11.49 7.35 -14.52
N GLY D 147 12.23 6.56 -15.32
CA GLY D 147 13.67 6.36 -15.11
C GLY D 147 14.07 5.38 -14.02
N HIS D 148 13.13 4.57 -13.50
CA HIS D 148 13.43 3.57 -12.45
C HIS D 148 13.87 2.25 -13.12
N GLN D 149 15.11 2.26 -13.60
CA GLN D 149 15.71 1.13 -14.35
C GLN D 149 15.71 -0.16 -13.53
N ASP D 150 16.27 -0.09 -12.33
CA ASP D 150 16.33 -1.24 -11.39
C ASP D 150 14.98 -1.99 -11.28
N ILE D 151 13.90 -1.22 -11.10
CA ILE D 151 12.55 -1.79 -10.99
C ILE D 151 12.03 -2.31 -12.33
N ALA D 152 12.27 -1.56 -13.41
CA ALA D 152 11.98 -2.05 -14.80
C ALA D 152 12.63 -3.42 -15.12
N GLU D 153 13.84 -3.63 -14.60
CA GLU D 153 14.59 -4.89 -14.80
C GLU D 153 13.97 -6.07 -14.04
N VAL D 154 13.58 -5.82 -12.78
CA VAL D 154 12.86 -6.82 -11.96
C VAL D 154 11.53 -7.23 -12.63
N LEU D 155 10.80 -6.23 -13.13
CA LEU D 155 9.50 -6.47 -13.79
C LEU D 155 9.60 -7.22 -15.14
N GLN D 156 10.60 -6.84 -15.95
CA GLN D 156 10.94 -7.59 -17.18
C GLN D 156 11.30 -9.05 -16.89
N LYS D 157 12.07 -9.28 -15.83
CA LYS D 157 12.55 -10.63 -15.46
C LYS D 157 11.46 -11.48 -14.80
N ALA D 158 10.67 -10.87 -13.90
CA ALA D 158 9.49 -11.50 -13.29
C ALA D 158 8.30 -11.43 -14.25
NA NA E . 4.84 -17.41 33.21
NA NA F . 49.14 29.39 30.55
#